data_5DNN
#
_entry.id   5DNN
#
_cell.length_a   106.726
_cell.length_b   109.948
_cell.length_c   182.041
_cell.angle_alpha   90.00
_cell.angle_beta   90.00
_cell.angle_gamma   90.00
#
_symmetry.space_group_name_H-M   'P 21 21 21'
#
loop_
_entity.id
_entity.type
_entity.pdbx_description
1 polymer 'Histone H3.2'
2 polymer 'Histone H4'
3 polymer 'Histone H2A'
4 polymer 'Histone H2B 1.1'
5 polymer 'DNA (145-MER)'
6 polymer 'DNA (145-MER)'
7 non-polymer triethylphosphanuidylgold(1+)
8 non-polymer 'SULFATE ION'
9 non-polymer 'MAGNESIUM ION'
10 non-polymer dichloro[(1,2,3,4,5,6-eta)-6-methylbenzene]1,3,5-triaza-7lambda~5~-phosphatricyclo[3.3.1.1~3,7~]dec-7-ylruthenium
#
loop_
_entity_poly.entity_id
_entity_poly.type
_entity_poly.pdbx_seq_one_letter_code
_entity_poly.pdbx_strand_id
1 'polypeptide(L)'
;ARTKQTARKSTGGKAPRKQLATKAARKSAPATGGVKKPHRYRPGTVALREIRRYQKSTELLIRKLPFQRLVREIAQDFKT
DLRFQSSAVMALQEASEAYLVALFEDTNLCAIHAKRVTIMPKDIQLARRIRGERA
;
A,E
2 'polypeptide(L)'
;SGRGKGGKGLGKGGAKRHRKVLRDNIQGITKPAIRRLARRGGVKRISGLIYEETRGVLKVFLENVIRDAVTYTEHAKRKT
VTAMDVVYALKRQGRTLYGFGG
;
B,F
3 'polypeptide(L)'
;SGRGKQGGKTRAKAKTRSSRAGLQFPVGRVHRLLRKGNYAERVGAGAPVYLAAVLEYLTAEILELAGNAARDNKKTRIIP
RHLQLAVRNDEELNKLLGRVTIAQGGVLPNIQSVLLPKKTESSKSKSK
;
C,G
4 'polypeptide(L)'
;PEPAKSAPAPKKGSKKAVTKTQKKDGKKRRKTRKESYAIYVYKVLKQVHPDTGISSKAMSIMNSFVNDVFERIAGEASRL
AHYNKRSTITSREIQTAVRLLLPGELAKHAVSEGTKAVTKYTSAK
;
D,H
5 'polydeoxyribonucleotide'
;(DA)(DT)(DC)(DA)(DA)(DT)(DA)(DT)(DC)(DC)(DA)(DC)(DC)(DT)(DG)(DC)(DA)(DG)(DA)(DT)
(DA)(DC)(DT)(DA)(DC)(DC)(DA)(DA)(DA)(DA)(DG)(DT)(DG)(DT)(DA)(DT)(DT)(DT)(DG)(DG)
(DA)(DA)(DA)(DC)(DT)(DG)(DC)(DT)(DC)(DC)(DA)(DT)(DC)(DA)(DA)(DA)(DA)(DG)(DG)(DC)
(DA)(DT)(DG)(DT)(DT)(DC)(DA)(DG)(DC)(DT)(DG)(DA)(DA)(DT)(DC)(DA)(DG)(DC)(DT)(DG)
(DA)(DA)(DC)(DA)(DT)(DG)(DC)(DC)(DT)(DT)(DT)(DT)(DG)(DA)(DT)(DG)(DG)(DA)(DG)(DC)
(DA)(DG)(DT)(DT)(DT)(DC)(DC)(DA)(DA)(DA)(DT)(DA)(DC)(DA)(DC)(DT)(DT)(DT)(DT)(DG)
(DG)(DT)(DA)(DG)(DT)(DA)(DT)(DC)(DT)(DG)(DC)(DA)(DG)(DG)(DT)(DG)(DG)(DA)(DT)(DA)
(DT)(DT)(DG)(DA)(DT)
;
I
6 'polydeoxyribonucleotide'
;(DA)(DT)(DC)(DA)(DA)(DT)(DA)(DT)(DC)(DC)(DA)(DC)(DC)(DT)(DG)(DC)(DA)(DG)(DA)(DT)
(DA)(DC)(DT)(DA)(DC)(DC)(DA)(DA)(DA)(DA)(DG)(DT)(DG)(DT)(DA)(DT)(DT)(DT)(DG)(DG)
(DA)(DA)(DA)(DC)(DT)(DG)(DC)(DT)(DC)(DC)(DA)(DT)(DC)(DA)(DA)(DA)(DA)(DG)(DG)(DC)
(DA)(DT)(DG)(DT)(DT)(DC)(DA)(DG)(DC)(DT)(DG)(DA)(DT)(DT)(DC)(DA)(DG)(DC)(DT)(DG)
(DA)(DA)(DC)(DA)(DT)(DG)(DC)(DC)(DT)(DT)(DT)(DT)(DG)(DA)(DT)(DG)(DG)(DA)(DG)(DC)
(DA)(DG)(DT)(DT)(DT)(DC)(DC)(DA)(DA)(DA)(DT)(DA)(DC)(DA)(DC)(DT)(DT)(DT)(DT)(DG)
(DG)(DT)(DA)(DG)(DT)(DA)(DT)(DC)(DT)(DG)(DC)(DA)(DG)(DG)(DT)(DG)(DG)(DA)(DT)(DA)
(DT)(DT)(DG)(DA)(DT)
;
J
#
# COMPACT_ATOMS: atom_id res chain seq x y z
N PRO A 38 -31.76 -44.13 -11.48
CA PRO A 38 -32.51 -43.02 -10.88
C PRO A 38 -31.80 -42.46 -9.63
N HIS A 39 -30.64 -41.81 -9.81
CA HIS A 39 -29.78 -41.40 -8.69
C HIS A 39 -29.33 -39.96 -8.76
N ARG A 40 -29.74 -39.19 -7.75
CA ARG A 40 -29.52 -37.76 -7.71
C ARG A 40 -28.71 -37.36 -6.48
N TYR A 41 -27.78 -36.42 -6.65
CA TYR A 41 -27.01 -35.88 -5.52
C TYR A 41 -27.71 -34.69 -4.84
N ARG A 42 -27.65 -34.65 -3.52
CA ARG A 42 -28.27 -33.56 -2.74
C ARG A 42 -27.66 -32.19 -3.09
N PRO A 43 -28.48 -31.11 -3.00
CA PRO A 43 -27.94 -29.77 -3.20
C PRO A 43 -26.74 -29.57 -2.29
N GLY A 44 -25.61 -29.17 -2.88
CA GLY A 44 -24.42 -28.83 -2.10
C GLY A 44 -23.37 -29.89 -2.02
N THR A 45 -23.73 -31.11 -2.40
CA THR A 45 -22.77 -32.20 -2.43
C THR A 45 -21.76 -31.92 -3.53
N VAL A 46 -22.25 -31.68 -4.74
CA VAL A 46 -21.35 -31.36 -5.85
C VAL A 46 -20.62 -30.05 -5.57
N ALA A 47 -21.30 -29.11 -4.89
CA ALA A 47 -20.70 -27.83 -4.54
C ALA A 47 -19.44 -28.05 -3.72
N LEU A 48 -19.57 -28.79 -2.63
CA LEU A 48 -18.44 -29.23 -1.83
C LEU A 48 -17.37 -29.98 -2.64
N ARG A 49 -17.81 -30.79 -3.61
CA ARG A 49 -16.91 -31.62 -4.36
C ARG A 49 -16.02 -30.73 -5.19
N GLU A 50 -16.65 -29.73 -5.82
CA GLU A 50 -15.94 -28.77 -6.64
C GLU A 50 -14.98 -27.90 -5.83
N ILE A 51 -15.39 -27.46 -4.65
CA ILE A 51 -14.48 -26.71 -3.79
C ILE A 51 -13.19 -27.49 -3.63
N ARG A 52 -13.31 -28.77 -3.31
CA ARG A 52 -12.14 -29.60 -3.06
C ARG A 52 -11.29 -29.72 -4.33
N ARG A 53 -11.97 -30.00 -5.44
CA ARG A 53 -11.30 -30.12 -6.72
C ARG A 53 -10.54 -28.83 -7.02
N TYR A 54 -11.24 -27.71 -7.05
CA TYR A 54 -10.62 -26.48 -7.48
C TYR A 54 -9.59 -25.91 -6.51
N GLN A 55 -9.72 -26.24 -5.22
CA GLN A 55 -8.76 -25.79 -4.24
C GLN A 55 -7.48 -26.57 -4.39
N LYS A 56 -7.57 -27.68 -5.09
CA LYS A 56 -6.44 -28.58 -5.25
C LYS A 56 -5.66 -28.24 -6.51
N SER A 57 -6.36 -27.81 -7.56
CA SER A 57 -5.68 -27.46 -8.81
C SER A 57 -5.22 -26.00 -8.87
N THR A 58 -4.53 -25.66 -9.96
CA THR A 58 -4.09 -24.29 -10.23
C THR A 58 -4.42 -23.78 -11.65
N GLU A 59 -5.03 -24.60 -12.50
CA GLU A 59 -5.37 -24.07 -13.84
C GLU A 59 -6.24 -22.83 -13.72
N LEU A 60 -6.13 -21.97 -14.72
CA LEU A 60 -7.05 -20.87 -14.88
C LEU A 60 -8.42 -21.40 -15.22
N LEU A 61 -9.44 -20.72 -14.71
CA LEU A 61 -10.81 -21.22 -14.70
C LEU A 61 -11.73 -20.40 -15.60
N ILE A 62 -11.14 -19.43 -16.31
CA ILE A 62 -11.84 -18.68 -17.36
C ILE A 62 -11.21 -19.13 -18.69
N ARG A 63 -12.01 -19.24 -19.73
CA ARG A 63 -11.49 -19.70 -21.04
C ARG A 63 -10.65 -18.60 -21.67
N LYS A 64 -9.50 -18.98 -22.20
CA LYS A 64 -8.54 -18.00 -22.71
C LYS A 64 -9.13 -16.98 -23.69
N LEU A 65 -9.85 -17.45 -24.69
CA LEU A 65 -10.35 -16.56 -25.75
C LEU A 65 -11.29 -15.46 -25.25
N PRO A 66 -12.44 -15.82 -24.62
CA PRO A 66 -13.36 -14.80 -24.08
C PRO A 66 -12.60 -13.70 -23.32
N PHE A 67 -11.69 -14.13 -22.43
CA PHE A 67 -10.89 -13.21 -21.65
C PHE A 67 -10.03 -12.30 -22.53
N GLN A 68 -9.42 -12.86 -23.57
CA GLN A 68 -8.57 -12.07 -24.48
C GLN A 68 -9.35 -10.95 -25.21
N ARG A 69 -10.55 -11.28 -25.64
CA ARG A 69 -11.41 -10.29 -26.26
C ARG A 69 -11.73 -9.18 -25.27
N LEU A 70 -12.10 -9.56 -24.05
CA LEU A 70 -12.52 -8.58 -23.03
C LEU A 70 -11.37 -7.63 -22.73
N VAL A 71 -10.18 -8.17 -22.58
CA VAL A 71 -9.00 -7.35 -22.45
C VAL A 71 -8.89 -6.35 -23.60
N ARG A 72 -8.82 -6.84 -24.85
CA ARG A 72 -8.66 -5.95 -26.03
C ARG A 72 -9.74 -4.87 -26.16
N GLU A 73 -10.99 -5.23 -25.89
CA GLU A 73 -12.10 -4.30 -25.93
C GLU A 73 -11.87 -3.15 -24.95
N ILE A 74 -11.52 -3.51 -23.71
CA ILE A 74 -11.24 -2.53 -22.68
C ILE A 74 -10.05 -1.64 -23.06
N ALA A 75 -8.99 -2.24 -23.59
CA ALA A 75 -7.82 -1.44 -23.98
C ALA A 75 -8.12 -0.44 -25.11
N GLN A 76 -9.02 -0.81 -26.01
CA GLN A 76 -9.45 0.03 -27.13
C GLN A 76 -9.88 1.44 -26.71
N ASP A 77 -10.56 1.56 -25.57
CA ASP A 77 -10.97 2.87 -25.06
C ASP A 77 -9.78 3.68 -24.59
N PHE A 78 -8.59 3.08 -24.55
CA PHE A 78 -7.44 3.83 -24.07
C PHE A 78 -6.47 4.18 -25.18
N LYS A 79 -6.32 3.24 -26.10
CA LYS A 79 -5.58 3.48 -27.32
C LYS A 79 -6.00 2.45 -28.38
N THR A 80 -6.10 2.91 -29.61
CA THR A 80 -6.50 2.07 -30.74
C THR A 80 -5.27 1.47 -31.42
N ASP A 81 -5.49 0.36 -32.11
CA ASP A 81 -4.46 -0.31 -32.92
C ASP A 81 -3.40 -0.93 -32.00
N LEU A 82 -3.87 -1.53 -30.91
CA LEU A 82 -2.98 -2.12 -29.91
C LEU A 82 -2.74 -3.58 -30.15
N ARG A 83 -1.51 -4.00 -29.92
CA ARG A 83 -1.19 -5.41 -29.94
C ARG A 83 -0.71 -5.80 -28.54
N PHE A 84 -0.85 -7.09 -28.21
CA PHE A 84 -0.62 -7.61 -26.88
C PHE A 84 0.32 -8.78 -26.95
N GLN A 85 1.37 -8.78 -26.15
CA GLN A 85 2.21 -9.98 -26.05
C GLN A 85 1.36 -11.12 -25.49
N SER A 86 1.69 -12.37 -25.84
CA SER A 86 0.97 -13.55 -25.36
C SER A 86 1.06 -13.63 -23.84
N SER A 87 2.27 -13.38 -23.32
CA SER A 87 2.51 -13.41 -21.88
C SER A 87 1.82 -12.26 -21.13
N ALA A 88 1.64 -11.12 -21.78
CA ALA A 88 0.89 -10.00 -21.19
C ALA A 88 -0.57 -10.33 -20.89
N VAL A 89 -1.22 -11.01 -21.82
CA VAL A 89 -2.61 -11.43 -21.64
C VAL A 89 -2.64 -12.45 -20.51
N MET A 90 -1.68 -13.38 -20.53
CA MET A 90 -1.52 -14.38 -19.47
C MET A 90 -1.37 -13.70 -18.10
N ALA A 91 -0.39 -12.83 -17.97
CA ALA A 91 -0.21 -12.11 -16.71
C ALA A 91 -1.52 -11.48 -16.23
N LEU A 92 -2.21 -10.75 -17.10
CA LEU A 92 -3.52 -10.18 -16.74
C LEU A 92 -4.51 -11.23 -16.24
N GLN A 93 -4.52 -12.41 -16.85
CA GLN A 93 -5.47 -13.45 -16.42
C GLN A 93 -5.10 -13.96 -15.03
N GLU A 94 -3.82 -14.22 -14.84
CA GLU A 94 -3.34 -14.73 -13.59
C GLU A 94 -3.75 -13.81 -12.47
N ALA A 95 -3.52 -12.52 -12.68
CA ALA A 95 -3.83 -11.48 -11.71
C ALA A 95 -5.32 -11.31 -11.46
N SER A 96 -6.12 -11.27 -12.54
CA SER A 96 -7.58 -11.20 -12.40
C SER A 96 -8.20 -12.36 -11.63
N GLU A 97 -7.74 -13.58 -11.90
CA GLU A 97 -8.33 -14.75 -11.24
C GLU A 97 -7.90 -14.83 -9.77
N ALA A 98 -6.66 -14.47 -9.51
CA ALA A 98 -6.18 -14.37 -8.13
C ALA A 98 -7.04 -13.36 -7.37
N TYR A 99 -7.25 -12.20 -7.98
CA TYR A 99 -8.01 -11.12 -7.40
C TYR A 99 -9.41 -11.60 -7.08
N LEU A 100 -10.02 -12.25 -8.06
CA LEU A 100 -11.41 -12.64 -7.92
C LEU A 100 -11.58 -13.80 -6.95
N VAL A 101 -10.63 -14.73 -6.95
CA VAL A 101 -10.68 -15.85 -6.02
C VAL A 101 -10.63 -15.31 -4.59
N ALA A 102 -9.73 -14.36 -4.35
CA ALA A 102 -9.55 -13.82 -3.01
C ALA A 102 -10.75 -13.01 -2.58
N LEU A 103 -11.34 -12.26 -3.50
CA LEU A 103 -12.54 -11.48 -3.20
C LEU A 103 -13.70 -12.39 -2.87
N PHE A 104 -13.73 -13.57 -3.48
CA PHE A 104 -14.76 -14.53 -3.11
C PHE A 104 -14.52 -15.05 -1.68
N GLU A 105 -13.26 -15.07 -1.22
CA GLU A 105 -13.03 -15.52 0.12
C GLU A 105 -13.71 -14.49 1.04
N ASP A 106 -13.34 -13.22 0.93
CA ASP A 106 -13.88 -12.15 1.81
C ASP A 106 -15.39 -12.03 1.70
N THR A 107 -15.90 -12.18 0.48
CA THR A 107 -17.32 -12.22 0.21
C THR A 107 -17.98 -13.35 1.00
N ASN A 108 -17.38 -14.54 0.93
CA ASN A 108 -17.91 -15.68 1.65
C ASN A 108 -17.93 -15.35 3.13
N LEU A 109 -16.84 -14.76 3.65
CA LEU A 109 -16.84 -14.39 5.08
C LEU A 109 -17.98 -13.42 5.38
N CYS A 110 -18.21 -12.46 4.49
CA CYS A 110 -19.31 -11.55 4.69
C CYS A 110 -20.71 -12.23 4.73
N ALA A 111 -20.98 -13.18 3.82
CA ALA A 111 -22.19 -13.99 3.88
C ALA A 111 -22.29 -14.72 5.21
N ILE A 112 -21.23 -15.42 5.59
CA ILE A 112 -21.24 -16.12 6.87
C ILE A 112 -21.53 -15.16 8.04
N HIS A 113 -20.99 -13.95 7.97
CA HIS A 113 -21.17 -12.99 9.07
C HIS A 113 -22.61 -12.65 9.29
N ALA A 114 -23.38 -12.71 8.21
CA ALA A 114 -24.80 -12.37 8.22
C ALA A 114 -25.63 -13.65 8.38
N LYS A 115 -24.95 -14.72 8.79
CA LYS A 115 -25.58 -15.99 9.16
C LYS A 115 -26.20 -16.70 7.96
N ARG A 116 -25.57 -16.52 6.82
CA ARG A 116 -26.02 -17.13 5.58
C ARG A 116 -24.95 -18.11 5.08
N VAL A 117 -25.27 -18.83 4.01
CA VAL A 117 -24.28 -19.65 3.31
C VAL A 117 -24.32 -19.31 1.81
N THR A 118 -25.08 -18.27 1.46
CA THR A 118 -25.27 -17.93 0.06
C THR A 118 -24.69 -16.57 -0.25
N ILE A 119 -23.66 -16.49 -1.06
CA ILE A 119 -23.10 -15.16 -1.38
C ILE A 119 -24.04 -14.26 -2.21
N MET A 120 -24.13 -12.99 -1.83
CA MET A 120 -25.05 -12.06 -2.46
C MET A 120 -24.32 -10.79 -2.81
N PRO A 121 -24.87 -9.98 -3.74
CA PRO A 121 -24.13 -8.81 -4.20
C PRO A 121 -23.75 -7.92 -3.03
N LYS A 122 -24.60 -7.87 -2.01
CA LYS A 122 -24.26 -7.06 -0.87
C LYS A 122 -22.95 -7.49 -0.25
N ASP A 123 -22.74 -8.80 -0.12
CA ASP A 123 -21.51 -9.34 0.45
C ASP A 123 -20.29 -8.90 -0.34
N ILE A 124 -20.34 -8.99 -1.67
CA ILE A 124 -19.27 -8.43 -2.51
C ILE A 124 -19.12 -6.94 -2.23
N GLN A 125 -20.24 -6.24 -2.06
CA GLN A 125 -20.19 -4.81 -1.84
C GLN A 125 -19.51 -4.48 -0.51
N LEU A 126 -19.93 -5.14 0.56
CA LEU A 126 -19.32 -4.97 1.86
C LEU A 126 -17.82 -5.26 1.81
N ALA A 127 -17.43 -6.35 1.15
CA ALA A 127 -16.04 -6.65 1.05
C ALA A 127 -15.26 -5.52 0.37
N ARG A 128 -15.74 -5.08 -0.79
CA ARG A 128 -15.03 -4.04 -1.51
C ARG A 128 -15.03 -2.73 -0.78
N ARG A 129 -16.08 -2.46 -0.02
CA ARG A 129 -16.12 -1.21 0.77
C ARG A 129 -15.01 -1.23 1.85
N ILE A 130 -14.94 -2.31 2.61
CA ILE A 130 -13.98 -2.41 3.68
C ILE A 130 -12.54 -2.50 3.18
N ARG A 131 -12.35 -3.09 2.01
CA ARG A 131 -11.04 -3.12 1.36
C ARG A 131 -10.60 -1.73 0.92
N GLY A 132 -11.53 -0.79 0.95
CA GLY A 132 -11.23 0.55 0.50
C GLY A 132 -11.24 0.64 -1.01
N GLU A 133 -12.01 -0.20 -1.67
CA GLU A 133 -12.22 -0.08 -3.11
C GLU A 133 -13.45 0.81 -3.43
N ARG A 134 -14.27 1.11 -2.43
CA ARG A 134 -15.50 1.93 -2.61
C ARG A 134 -15.48 3.26 -1.83
N VAL B 21 -25.42 -14.37 -33.63
CA VAL B 21 -25.71 -14.42 -32.16
C VAL B 21 -24.92 -13.31 -31.43
N LEU B 22 -25.32 -12.06 -31.71
CA LEU B 22 -24.64 -10.83 -31.23
C LEU B 22 -24.59 -10.72 -29.70
N ARG B 23 -23.39 -10.51 -29.16
CA ARG B 23 -23.19 -10.60 -27.70
C ARG B 23 -21.95 -9.84 -27.21
N ASP B 24 -22.11 -9.12 -26.09
CA ASP B 24 -21.00 -8.39 -25.45
C ASP B 24 -19.91 -9.33 -25.00
N ASN B 25 -18.67 -8.86 -25.05
CA ASN B 25 -17.54 -9.70 -24.64
C ASN B 25 -17.53 -10.01 -23.15
N ILE B 26 -17.97 -9.05 -22.34
CA ILE B 26 -18.11 -9.25 -20.88
C ILE B 26 -18.96 -10.47 -20.53
N GLN B 27 -19.84 -10.83 -21.44
CA GLN B 27 -20.73 -11.96 -21.21
C GLN B 27 -20.06 -13.28 -21.53
N GLY B 28 -18.86 -13.18 -22.13
CA GLY B 28 -18.00 -14.33 -22.43
C GLY B 28 -17.45 -14.94 -21.14
N ILE B 29 -17.43 -14.12 -20.10
CA ILE B 29 -17.14 -14.55 -18.75
C ILE B 29 -18.43 -15.14 -18.20
N THR B 30 -18.52 -16.44 -18.30
CA THR B 30 -19.81 -17.10 -18.21
C THR B 30 -20.13 -17.52 -16.78
N LYS B 31 -21.40 -17.83 -16.54
CA LYS B 31 -21.83 -18.40 -15.29
C LYS B 31 -20.93 -19.53 -14.75
N PRO B 32 -20.65 -20.57 -15.56
CA PRO B 32 -19.84 -21.69 -15.06
C PRO B 32 -18.39 -21.32 -14.67
N ALA B 33 -17.79 -20.37 -15.42
CA ALA B 33 -16.44 -19.88 -15.11
C ALA B 33 -16.43 -19.07 -13.82
N ILE B 34 -17.43 -18.23 -13.64
CA ILE B 34 -17.53 -17.45 -12.41
C ILE B 34 -17.79 -18.38 -11.24
N ARG B 35 -18.60 -19.41 -11.48
CA ARG B 35 -18.90 -20.42 -10.48
C ARG B 35 -17.63 -21.16 -10.04
N ARG B 36 -16.76 -21.47 -10.99
CA ARG B 36 -15.49 -22.18 -10.71
C ARG B 36 -14.60 -21.34 -9.79
N LEU B 37 -14.50 -20.05 -10.11
CA LEU B 37 -13.70 -19.12 -9.32
C LEU B 37 -14.22 -19.04 -7.90
N ALA B 38 -15.52 -18.85 -7.77
CA ALA B 38 -16.15 -18.86 -6.45
C ALA B 38 -15.72 -20.12 -5.69
N ARG B 39 -15.70 -21.24 -6.41
CA ARG B 39 -15.46 -22.52 -5.78
C ARG B 39 -14.04 -22.56 -5.23
N ARG B 40 -13.08 -22.10 -6.02
CA ARG B 40 -11.71 -22.03 -5.57
C ARG B 40 -11.61 -21.19 -4.31
N GLY B 41 -12.47 -20.17 -4.21
CA GLY B 41 -12.54 -19.32 -3.02
C GLY B 41 -13.38 -19.86 -1.87
N GLY B 42 -13.84 -21.10 -2.00
CA GLY B 42 -14.55 -21.76 -0.91
C GLY B 42 -16.01 -21.43 -0.79
N VAL B 43 -16.62 -21.05 -1.91
CA VAL B 43 -18.03 -20.67 -1.95
C VAL B 43 -18.94 -21.85 -2.33
N LYS B 44 -19.93 -22.14 -1.48
CA LYS B 44 -20.83 -23.29 -1.62
C LYS B 44 -22.10 -22.94 -2.40
N ARG B 45 -22.73 -21.83 -2.03
CA ARG B 45 -24.00 -21.46 -2.61
C ARG B 45 -23.94 -20.02 -3.11
N ILE B 46 -24.49 -19.81 -4.30
CA ILE B 46 -24.36 -18.55 -5.05
C ILE B 46 -25.69 -17.93 -5.54
N SER B 47 -26.05 -16.76 -5.00
CA SER B 47 -27.18 -16.01 -5.51
C SER B 47 -27.06 -15.72 -7.00
N GLY B 48 -28.18 -15.79 -7.70
CA GLY B 48 -28.25 -15.55 -9.15
C GLY B 48 -27.71 -14.21 -9.62
N LEU B 49 -27.73 -13.21 -8.72
CA LEU B 49 -27.36 -11.85 -9.11
C LEU B 49 -25.83 -11.64 -9.10
N ILE B 50 -25.12 -12.64 -8.55
CA ILE B 50 -23.67 -12.58 -8.38
C ILE B 50 -22.94 -12.45 -9.71
N TYR B 51 -23.47 -13.08 -10.75
CA TYR B 51 -22.78 -13.15 -12.03
C TYR B 51 -22.63 -11.77 -12.66
N GLU B 52 -23.71 -11.00 -12.68
CA GLU B 52 -23.63 -9.63 -13.19
C GLU B 52 -22.71 -8.80 -12.32
N GLU B 53 -22.89 -8.88 -10.99
CA GLU B 53 -22.02 -8.16 -10.04
C GLU B 53 -20.51 -8.44 -10.29
N THR B 54 -20.16 -9.71 -10.40
CA THR B 54 -18.78 -10.11 -10.62
C THR B 54 -18.21 -9.53 -11.91
N ARG B 55 -19.03 -9.54 -12.97
CA ARG B 55 -18.60 -8.98 -14.25
C ARG B 55 -18.26 -7.51 -14.08
N GLY B 56 -19.11 -6.81 -13.32
CA GLY B 56 -18.92 -5.40 -13.02
C GLY B 56 -17.58 -5.15 -12.35
N VAL B 57 -17.34 -5.91 -11.29
CA VAL B 57 -16.11 -5.85 -10.52
C VAL B 57 -14.89 -6.18 -11.39
N LEU B 58 -15.00 -7.21 -12.24
CA LEU B 58 -13.87 -7.61 -13.07
C LEU B 58 -13.54 -6.53 -14.11
N LYS B 59 -14.59 -5.90 -14.64
CA LYS B 59 -14.42 -4.82 -15.60
C LYS B 59 -13.66 -3.65 -14.98
N VAL B 60 -13.98 -3.29 -13.73
CA VAL B 60 -13.30 -2.17 -13.07
C VAL B 60 -11.83 -2.54 -12.82
N PHE B 61 -11.61 -3.80 -12.47
CA PHE B 61 -10.27 -4.30 -12.21
C PHE B 61 -9.44 -4.15 -13.48
N LEU B 62 -9.92 -4.75 -14.57
CA LEU B 62 -9.18 -4.67 -15.82
C LEU B 62 -8.97 -3.25 -16.33
N GLU B 63 -10.03 -2.43 -16.25
CA GLU B 63 -9.88 -1.03 -16.62
C GLU B 63 -8.68 -0.44 -15.93
N ASN B 64 -8.66 -0.51 -14.60
CA ASN B 64 -7.62 0.17 -13.80
C ASN B 64 -6.22 -0.29 -14.14
N VAL B 65 -6.07 -1.60 -14.31
CA VAL B 65 -4.77 -2.20 -14.60
C VAL B 65 -4.33 -1.92 -16.03
N ILE B 66 -5.25 -2.17 -16.98
CA ILE B 66 -4.99 -1.96 -18.39
C ILE B 66 -4.67 -0.49 -18.68
N ARG B 67 -5.49 0.43 -18.16
CA ARG B 67 -5.20 1.86 -18.28
C ARG B 67 -3.73 2.14 -17.98
N ASP B 68 -3.26 1.65 -16.84
CA ASP B 68 -1.88 1.87 -16.37
C ASP B 68 -0.87 1.18 -17.27
N ALA B 69 -1.16 -0.04 -17.72
CA ALA B 69 -0.25 -0.79 -18.63
C ALA B 69 -0.07 -0.06 -19.95
N VAL B 70 -1.19 0.23 -20.60
CA VAL B 70 -1.20 1.00 -21.83
C VAL B 70 -0.41 2.28 -21.64
N THR B 71 -0.62 2.98 -20.52
CA THR B 71 0.16 4.19 -20.25
C THR B 71 1.66 3.94 -20.30
N TYR B 72 2.07 2.75 -19.92
CA TYR B 72 3.48 2.38 -19.99
C TYR B 72 3.90 2.17 -21.43
N THR B 73 3.05 1.45 -22.18
CA THR B 73 3.22 1.22 -23.62
C THR B 73 3.42 2.52 -24.40
N GLU B 74 2.43 3.40 -24.37
CA GLU B 74 2.51 4.73 -24.99
C GLU B 74 3.82 5.42 -24.62
N HIS B 75 4.23 5.31 -23.37
CA HIS B 75 5.44 5.99 -22.97
C HIS B 75 6.63 5.44 -23.69
N ALA B 76 6.67 4.12 -23.85
CA ALA B 76 7.77 3.43 -24.51
C ALA B 76 7.67 3.53 -26.04
N LYS B 77 6.72 4.35 -26.51
CA LYS B 77 6.48 4.55 -27.94
C LYS B 77 6.31 3.22 -28.66
N ARG B 78 5.57 2.29 -28.05
CA ARG B 78 5.34 0.97 -28.65
C ARG B 78 3.89 0.87 -29.07
N LYS B 79 3.51 -0.23 -29.73
CA LYS B 79 2.12 -0.50 -30.13
C LYS B 79 1.71 -1.85 -29.56
N THR B 80 2.64 -2.48 -28.85
CA THR B 80 2.43 -3.76 -28.18
C THR B 80 2.53 -3.62 -26.66
N VAL B 81 1.46 -4.00 -25.99
CA VAL B 81 1.46 -4.16 -24.54
C VAL B 81 2.31 -5.38 -24.23
N THR B 82 3.44 -5.16 -23.54
CA THR B 82 4.32 -6.25 -23.09
C THR B 82 3.94 -6.75 -21.70
N ALA B 83 4.22 -8.03 -21.44
CA ALA B 83 4.08 -8.58 -20.10
C ALA B 83 4.68 -7.63 -19.05
N MET B 84 5.83 -7.00 -19.32
CA MET B 84 6.42 -6.05 -18.38
C MET B 84 5.57 -4.80 -18.19
N ASP B 85 4.84 -4.41 -19.22
CA ASP B 85 3.90 -3.31 -19.09
C ASP B 85 2.82 -3.66 -18.07
N VAL B 86 2.31 -4.88 -18.15
CA VAL B 86 1.34 -5.38 -17.21
C VAL B 86 1.92 -5.54 -15.79
N VAL B 87 3.06 -6.20 -15.69
CA VAL B 87 3.71 -6.44 -14.42
C VAL B 87 3.94 -5.15 -13.63
N TYR B 88 4.42 -4.12 -14.30
CA TYR B 88 4.60 -2.82 -13.66
C TYR B 88 3.28 -2.17 -13.23
N ALA B 89 2.21 -2.45 -13.97
CA ALA B 89 0.94 -1.80 -13.69
C ALA B 89 0.38 -2.43 -12.42
N LEU B 90 0.45 -3.76 -12.41
CA LEU B 90 0.09 -4.54 -11.25
C LEU B 90 0.89 -4.10 -9.99
N LYS B 91 2.18 -3.83 -10.16
CA LYS B 91 2.98 -3.47 -9.01
C LYS B 91 2.49 -2.19 -8.39
N ARG B 92 2.34 -1.13 -9.17
CA ARG B 92 1.80 0.13 -8.61
C ARG B 92 0.32 0.08 -8.18
N GLN B 93 -0.47 -0.85 -8.71
CA GLN B 93 -1.83 -1.01 -8.21
C GLN B 93 -1.86 -1.78 -6.89
N GLY B 94 -0.70 -2.10 -6.33
CA GLY B 94 -0.59 -2.94 -5.14
C GLY B 94 -0.90 -4.42 -5.32
N ARG B 95 -0.85 -4.91 -6.54
CA ARG B 95 -1.11 -6.31 -6.84
C ARG B 95 0.10 -7.00 -7.49
N THR B 96 1.30 -6.86 -6.93
CA THR B 96 2.51 -7.51 -7.42
C THR B 96 2.30 -8.96 -7.82
N LEU B 97 2.67 -9.27 -9.07
CA LEU B 97 2.58 -10.61 -9.63
C LEU B 97 3.99 -11.16 -9.89
N TYR B 98 4.22 -12.43 -9.58
CA TYR B 98 5.50 -13.08 -9.82
C TYR B 98 5.36 -14.09 -10.94
N GLY B 99 6.37 -14.16 -11.81
CA GLY B 99 6.37 -15.15 -12.89
C GLY B 99 6.23 -14.65 -14.30
N PHE B 100 6.32 -13.35 -14.53
CA PHE B 100 6.22 -12.81 -15.86
C PHE B 100 7.29 -11.75 -16.13
N GLY B 101 8.38 -11.81 -15.35
CA GLY B 101 9.53 -10.93 -15.55
C GLY B 101 9.66 -9.91 -14.43
N GLY B 102 10.67 -9.05 -14.52
CA GLY B 102 10.88 -7.99 -13.53
C GLY B 102 11.29 -8.52 -12.19
N ALA C 14 18.00 38.86 -16.12
CA ALA C 14 17.85 38.90 -14.63
C ALA C 14 16.54 38.21 -14.14
N LYS C 15 15.94 37.39 -15.02
CA LYS C 15 14.63 36.77 -14.79
C LYS C 15 14.66 35.34 -14.27
N THR C 16 13.88 35.06 -13.23
CA THR C 16 13.69 33.70 -12.73
C THR C 16 13.00 32.82 -13.77
N ARG C 17 13.20 31.52 -13.65
CA ARG C 17 12.57 30.57 -14.55
C ARG C 17 11.06 30.49 -14.26
N SER C 18 10.69 30.78 -13.01
CA SER C 18 9.28 30.79 -12.61
C SER C 18 8.51 31.82 -13.42
N SER C 19 8.89 33.10 -13.33
CA SER C 19 8.32 34.13 -14.20
C SER C 19 8.44 33.77 -15.70
N ARG C 20 9.58 33.24 -16.14
CA ARG C 20 9.67 32.76 -17.51
C ARG C 20 8.57 31.77 -17.88
N ALA C 21 8.19 30.90 -16.92
CA ALA C 21 7.17 29.84 -17.17
C ALA C 21 5.76 30.27 -16.78
N GLY C 22 5.68 31.43 -16.14
CA GLY C 22 4.40 31.98 -15.75
C GLY C 22 3.86 31.33 -14.51
N LEU C 23 4.75 31.07 -13.54
CA LEU C 23 4.40 30.30 -12.36
C LEU C 23 4.77 31.01 -11.08
N GLN C 24 3.94 30.77 -10.06
CA GLN C 24 4.22 31.22 -8.71
C GLN C 24 5.21 30.25 -8.05
N PHE C 25 5.02 28.95 -8.25
CA PHE C 25 5.84 27.94 -7.60
C PHE C 25 7.28 27.97 -8.09
N PRO C 26 8.25 27.55 -7.25
CA PRO C 26 9.63 27.89 -7.51
C PRO C 26 10.35 26.85 -8.34
N VAL C 27 10.56 27.14 -9.61
CA VAL C 27 11.28 26.24 -10.52
C VAL C 27 12.72 25.89 -10.07
N GLY C 28 13.48 26.89 -9.66
CA GLY C 28 14.81 26.65 -9.13
C GLY C 28 14.78 25.61 -8.01
N ARG C 29 13.91 25.84 -7.02
CA ARG C 29 13.82 24.96 -5.86
C ARG C 29 13.47 23.54 -6.28
N VAL C 30 12.50 23.45 -7.18
CA VAL C 30 12.02 22.18 -7.68
C VAL C 30 13.11 21.50 -8.50
N HIS C 31 13.95 22.28 -9.17
CA HIS C 31 15.09 21.69 -9.87
C HIS C 31 16.05 21.10 -8.88
N ARG C 32 16.34 21.85 -7.84
CA ARG C 32 17.32 21.48 -6.84
C ARG C 32 16.91 20.20 -6.15
N LEU C 33 15.63 20.13 -5.73
CA LEU C 33 15.12 18.99 -4.97
C LEU C 33 15.07 17.73 -5.83
N LEU C 34 14.89 17.89 -7.15
CA LEU C 34 14.92 16.72 -8.04
C LEU C 34 16.28 16.06 -8.09
N ARG C 35 17.35 16.87 -8.14
CA ARG C 35 18.72 16.37 -8.22
C ARG C 35 19.16 15.60 -6.98
N LYS C 36 18.97 16.20 -5.81
CA LYS C 36 19.37 15.57 -4.56
C LYS C 36 18.51 14.36 -4.14
N GLY C 37 17.39 14.15 -4.81
CA GLY C 37 16.50 13.05 -4.49
C GLY C 37 16.90 11.78 -5.21
N ASN C 38 17.92 11.86 -6.07
CA ASN C 38 18.46 10.71 -6.78
C ASN C 38 17.37 9.93 -7.48
N TYR C 39 16.63 10.62 -8.33
CA TYR C 39 15.57 9.93 -9.01
C TYR C 39 16.10 9.35 -10.31
N ALA C 40 17.15 9.99 -10.85
CA ALA C 40 17.84 9.54 -12.06
C ALA C 40 19.21 10.25 -12.16
N GLU C 41 20.09 9.77 -13.03
CA GLU C 41 21.37 10.46 -13.22
C GLU C 41 21.09 11.91 -13.56
N ARG C 42 20.33 12.12 -14.63
CA ARG C 42 20.15 13.44 -15.20
C ARG C 42 18.73 13.97 -15.02
N VAL C 43 18.63 15.30 -14.91
CA VAL C 43 17.34 16.00 -14.89
C VAL C 43 17.20 17.01 -16.01
N GLY C 44 16.33 16.70 -16.97
CA GLY C 44 16.00 17.63 -18.03
C GLY C 44 15.47 18.98 -17.56
N ALA C 45 15.53 19.95 -18.46
CA ALA C 45 15.23 21.34 -18.15
C ALA C 45 13.74 21.58 -17.98
N GLY C 46 12.93 20.86 -18.75
CA GLY C 46 11.48 20.97 -18.62
C GLY C 46 10.87 20.32 -17.38
N ALA C 47 11.53 19.31 -16.82
CA ALA C 47 10.95 18.54 -15.75
C ALA C 47 10.56 19.42 -14.54
N PRO C 48 11.52 20.19 -14.00
CA PRO C 48 11.12 21.02 -12.85
C PRO C 48 10.03 22.03 -13.20
N VAL C 49 10.00 22.47 -14.45
CA VAL C 49 9.00 23.41 -14.94
C VAL C 49 7.64 22.74 -14.90
N TYR C 50 7.56 21.58 -15.54
CA TYR C 50 6.30 20.84 -15.65
C TYR C 50 5.79 20.39 -14.29
N LEU C 51 6.70 19.93 -13.43
CA LEU C 51 6.33 19.50 -12.10
C LEU C 51 5.90 20.68 -11.25
N ALA C 52 6.65 21.78 -11.29
CA ALA C 52 6.26 22.93 -10.48
C ALA C 52 4.87 23.42 -10.86
N ALA C 53 4.50 23.23 -12.13
CA ALA C 53 3.18 23.63 -12.61
C ALA C 53 2.07 22.74 -12.07
N VAL C 54 2.29 21.43 -12.16
CA VAL C 54 1.38 20.45 -11.58
C VAL C 54 1.18 20.70 -10.07
N LEU C 55 2.29 20.92 -9.38
CA LEU C 55 2.24 21.22 -7.96
C LEU C 55 1.34 22.40 -7.69
N GLU C 56 1.55 23.47 -8.45
CA GLU C 56 0.80 24.71 -8.31
C GLU C 56 -0.68 24.49 -8.67
N TYR C 57 -0.92 23.69 -9.71
CA TYR C 57 -2.30 23.41 -10.10
C TYR C 57 -3.04 22.76 -8.94
N LEU C 58 -2.54 21.61 -8.46
CA LEU C 58 -3.12 20.90 -7.31
C LEU C 58 -3.31 21.77 -6.07
N THR C 59 -2.31 22.55 -5.70
CA THR C 59 -2.48 23.37 -4.53
C THR C 59 -3.56 24.43 -4.74
N ALA C 60 -3.69 24.95 -5.95
CA ALA C 60 -4.78 25.90 -6.25
C ALA C 60 -6.16 25.26 -6.08
N GLU C 61 -6.25 24.02 -6.55
CA GLU C 61 -7.50 23.30 -6.59
C GLU C 61 -7.99 23.07 -5.16
N ILE C 62 -7.07 22.65 -4.29
CA ILE C 62 -7.43 22.40 -2.89
C ILE C 62 -7.78 23.69 -2.12
N LEU C 63 -6.98 24.72 -2.36
CA LEU C 63 -7.22 26.02 -1.75
C LEU C 63 -8.58 26.61 -2.16
N GLU C 64 -8.98 26.42 -3.41
CA GLU C 64 -10.25 26.92 -3.86
C GLU C 64 -11.33 26.32 -2.97
N LEU C 65 -11.40 24.99 -3.01
CA LEU C 65 -12.36 24.20 -2.24
C LEU C 65 -12.30 24.42 -0.71
N ALA C 66 -11.09 24.54 -0.17
CA ALA C 66 -10.92 24.82 1.25
C ALA C 66 -11.45 26.21 1.63
N GLY C 67 -11.16 27.17 0.75
CA GLY C 67 -11.67 28.52 0.90
C GLY C 67 -13.18 28.52 0.99
N ASN C 68 -13.83 27.69 0.17
CA ASN C 68 -15.28 27.67 0.18
C ASN C 68 -15.79 27.10 1.48
N ALA C 69 -15.06 26.14 2.02
CA ALA C 69 -15.52 25.51 3.24
C ALA C 69 -15.37 26.52 4.37
N ALA C 70 -14.26 27.26 4.38
CA ALA C 70 -14.08 28.35 5.33
C ALA C 70 -15.27 29.31 5.26
N ARG C 71 -15.59 29.77 4.06
CA ARG C 71 -16.69 30.70 3.89
C ARG C 71 -18.02 30.09 4.29
N ASP C 72 -18.31 28.86 3.88
CA ASP C 72 -19.54 28.19 4.32
C ASP C 72 -19.71 28.15 5.86
N ASN C 73 -18.61 28.27 6.61
CA ASN C 73 -18.62 28.25 8.08
C ASN C 73 -18.47 29.62 8.67
N LYS C 74 -18.63 30.64 7.82
CA LYS C 74 -18.37 32.03 8.19
C LYS C 74 -17.01 32.23 8.82
N LYS C 75 -15.96 31.69 8.22
CA LYS C 75 -14.60 31.92 8.71
C LYS C 75 -13.74 32.49 7.62
N THR C 76 -12.67 33.15 8.02
CA THR C 76 -11.82 33.91 7.13
C THR C 76 -10.48 33.21 7.01
N ARG C 77 -10.19 32.37 8.00
CA ARG C 77 -8.93 31.66 8.04
C ARG C 77 -9.16 30.17 7.85
N ILE C 78 -8.62 29.64 6.76
CA ILE C 78 -8.64 28.20 6.49
C ILE C 78 -7.88 27.48 7.61
N ILE C 79 -8.57 26.53 8.25
CA ILE C 79 -7.95 25.63 9.22
C ILE C 79 -7.99 24.18 8.69
N PRO C 80 -7.30 23.23 9.38
CA PRO C 80 -7.31 21.84 8.93
C PRO C 80 -8.70 21.28 8.69
N ARG C 81 -9.69 21.56 9.53
CA ARG C 81 -11.02 21.02 9.22
C ARG C 81 -11.47 21.37 7.82
N HIS C 82 -11.21 22.61 7.36
CA HIS C 82 -11.64 23.05 6.01
C HIS C 82 -10.94 22.28 4.93
N LEU C 83 -9.63 22.04 5.10
CA LEU C 83 -8.87 21.18 4.17
C LEU C 83 -9.49 19.79 4.09
N GLN C 84 -10.00 19.31 5.22
CA GLN C 84 -10.52 17.99 5.23
C GLN C 84 -11.89 17.96 4.54
N LEU C 85 -12.74 18.94 4.83
CA LEU C 85 -14.00 19.07 4.13
C LEU C 85 -13.81 19.19 2.61
N ALA C 86 -12.81 19.99 2.18
CA ALA C 86 -12.43 20.12 0.78
C ALA C 86 -12.08 18.79 0.11
N VAL C 87 -11.08 18.10 0.66
CA VAL C 87 -10.59 16.81 0.15
C VAL C 87 -11.66 15.72 0.18
N ARG C 88 -12.33 15.55 1.31
CA ARG C 88 -13.23 14.45 1.45
C ARG C 88 -14.50 14.63 0.66
N ASN C 89 -14.84 15.88 0.36
CA ASN C 89 -16.06 16.18 -0.41
C ASN C 89 -15.88 16.09 -1.94
N ASP C 90 -14.61 16.06 -2.38
CA ASP C 90 -14.27 15.98 -3.77
C ASP C 90 -13.77 14.60 -4.14
N GLU C 91 -14.55 13.89 -4.94
CA GLU C 91 -14.22 12.54 -5.38
C GLU C 91 -12.76 12.31 -5.76
N GLU C 92 -12.20 13.24 -6.54
CA GLU C 92 -10.85 13.05 -7.07
C GLU C 92 -9.74 13.32 -6.08
N LEU C 93 -9.87 14.40 -5.32
CA LEU C 93 -8.95 14.68 -4.23
C LEU C 93 -9.07 13.63 -3.10
N ASN C 94 -10.30 13.19 -2.79
CA ASN C 94 -10.49 12.06 -1.90
C ASN C 94 -9.73 10.78 -2.32
N LYS C 95 -9.68 10.47 -3.59
CA LYS C 95 -8.96 9.27 -4.01
C LYS C 95 -7.43 9.54 -3.98
N LEU C 96 -7.00 10.71 -4.40
CA LEU C 96 -5.59 11.01 -4.45
C LEU C 96 -4.97 10.94 -3.07
N LEU C 97 -5.78 11.23 -2.06
CA LEU C 97 -5.34 11.29 -0.69
C LEU C 97 -6.08 10.24 0.17
N GLY C 98 -6.38 9.10 -0.46
CA GLY C 98 -7.24 8.12 0.16
C GLY C 98 -6.52 7.36 1.23
N ARG C 99 -5.20 7.46 1.25
CA ARG C 99 -4.41 6.75 2.23
C ARG C 99 -3.58 7.76 2.99
N VAL C 100 -4.16 8.93 3.25
CA VAL C 100 -3.49 10.03 3.94
C VAL C 100 -4.41 10.59 5.01
N THR C 101 -3.82 11.10 6.08
CA THR C 101 -4.60 11.59 7.21
C THR C 101 -4.18 13.00 7.50
N ILE C 102 -5.20 13.85 7.63
CA ILE C 102 -5.02 15.27 7.87
C ILE C 102 -5.21 15.46 9.35
N ALA C 103 -4.10 15.73 10.01
CA ALA C 103 -4.17 15.99 11.43
C ALA C 103 -5.26 17.03 11.63
N GLN C 104 -6.07 16.85 12.66
CA GLN C 104 -7.10 17.86 13.06
C GLN C 104 -8.23 18.12 12.03
N GLY C 105 -8.46 17.14 11.16
CA GLY C 105 -9.44 17.25 10.10
C GLY C 105 -10.83 16.74 10.42
N GLY C 106 -10.93 15.86 11.43
CA GLY C 106 -12.21 15.27 11.78
C GLY C 106 -12.68 14.37 10.66
N VAL C 107 -13.97 14.06 10.67
CA VAL C 107 -14.60 13.24 9.63
C VAL C 107 -15.79 13.98 8.99
N LEU C 108 -16.35 13.47 7.90
CA LEU C 108 -17.61 14.04 7.32
C LEU C 108 -18.83 13.66 8.13
N PRO C 109 -19.75 14.61 8.39
CA PRO C 109 -20.98 14.15 9.07
C PRO C 109 -21.63 13.08 8.22
N ASN C 110 -21.88 11.92 8.81
CA ASN C 110 -22.52 10.84 8.09
C ASN C 110 -22.97 9.74 9.05
N ILE C 111 -24.29 9.65 9.20
CA ILE C 111 -25.01 8.65 10.00
C ILE C 111 -25.75 7.73 9.05
N GLN C 112 -25.56 6.43 9.19
CA GLN C 112 -26.22 5.45 8.32
C GLN C 112 -27.71 5.45 8.58
N SER C 113 -28.50 5.39 7.51
CA SER C 113 -29.99 5.34 7.57
C SER C 113 -30.63 4.61 8.73
N VAL C 114 -30.41 3.29 8.81
CA VAL C 114 -31.08 2.41 9.79
C VAL C 114 -30.91 2.86 11.23
N LEU C 115 -29.96 3.74 11.47
CA LEU C 115 -29.67 4.23 12.80
C LEU C 115 -30.63 5.31 13.28
N LEU C 116 -31.33 5.95 12.34
CA LEU C 116 -32.23 7.08 12.64
C LEU C 116 -33.54 6.61 13.27
N PRO C 117 -34.26 7.49 13.99
CA PRO C 117 -35.47 7.07 14.73
C PRO C 117 -36.69 6.70 13.86
N LYS C 118 -37.68 6.06 14.51
CA LYS C 118 -38.98 5.56 13.93
C LYS C 118 -38.84 4.53 12.80
N LYS C 119 -39.55 4.77 11.70
CA LYS C 119 -39.48 3.97 10.47
C LYS C 119 -39.30 4.84 9.22
N LYS D 31 21.08 27.65 14.18
CA LYS D 31 19.75 28.19 13.80
C LYS D 31 19.47 27.82 12.33
N THR D 32 19.53 26.53 12.04
CA THR D 32 19.53 26.03 10.65
C THR D 32 18.25 26.33 9.89
N ARG D 33 18.40 26.71 8.62
CA ARG D 33 17.32 27.24 7.78
C ARG D 33 16.36 26.14 7.29
N LYS D 34 15.16 26.11 7.87
CA LYS D 34 14.14 25.14 7.45
C LYS D 34 13.21 25.70 6.38
N GLU D 35 13.40 25.21 5.15
CA GLU D 35 12.62 25.62 3.97
C GLU D 35 11.25 25.00 3.89
N SER D 36 10.30 25.70 3.28
CA SER D 36 8.96 25.16 2.99
C SER D 36 8.38 25.79 1.75
N TYR D 37 7.23 25.28 1.32
CA TYR D 37 6.51 25.90 0.23
C TYR D 37 5.53 27.01 0.65
N ALA D 38 5.59 27.44 1.92
CA ALA D 38 4.58 28.33 2.53
C ALA D 38 4.28 29.64 1.78
N ILE D 39 5.27 30.29 1.21
CA ILE D 39 5.00 31.60 0.62
C ILE D 39 4.33 31.44 -0.73
N TYR D 40 4.69 30.36 -1.40
CA TYR D 40 4.08 30.03 -2.67
C TYR D 40 2.65 29.60 -2.46
N VAL D 41 2.39 28.84 -1.40
CA VAL D 41 1.01 28.41 -1.10
C VAL D 41 0.21 29.66 -0.80
N TYR D 42 0.83 30.58 -0.07
CA TYR D 42 0.21 31.87 0.24
C TYR D 42 -0.11 32.74 -1.01
N LYS D 43 0.84 32.85 -1.94
CA LYS D 43 0.62 33.56 -3.21
C LYS D 43 -0.60 32.99 -3.91
N VAL D 44 -0.57 31.68 -4.10
CA VAL D 44 -1.64 30.99 -4.80
C VAL D 44 -2.98 31.16 -4.05
N LEU D 45 -2.88 31.21 -2.72
CA LEU D 45 -4.06 31.44 -1.90
C LEU D 45 -4.67 32.80 -2.20
N LYS D 46 -3.79 33.78 -2.42
CA LYS D 46 -4.25 35.15 -2.63
C LYS D 46 -4.93 35.27 -3.96
N GLN D 47 -4.34 34.60 -4.95
CA GLN D 47 -4.91 34.48 -6.27
C GLN D 47 -6.36 34.00 -6.30
N VAL D 48 -6.67 32.98 -5.49
CA VAL D 48 -7.98 32.31 -5.56
C VAL D 48 -9.01 32.84 -4.57
N HIS D 49 -8.53 33.29 -3.42
CA HIS D 49 -9.44 33.77 -2.38
C HIS D 49 -8.84 34.94 -1.65
N PRO D 50 -8.97 36.15 -2.22
CA PRO D 50 -8.09 37.26 -1.85
C PRO D 50 -8.32 37.76 -0.42
N ASP D 51 -9.47 37.45 0.15
CA ASP D 51 -9.73 37.86 1.53
C ASP D 51 -9.66 36.74 2.58
N THR D 52 -9.04 35.61 2.22
CA THR D 52 -8.96 34.44 3.09
C THR D 52 -7.55 34.19 3.61
N GLY D 53 -7.43 33.92 4.91
CA GLY D 53 -6.17 33.55 5.52
C GLY D 53 -6.03 32.05 5.80
N ILE D 54 -4.83 31.63 6.22
CA ILE D 54 -4.60 30.24 6.48
C ILE D 54 -3.85 30.08 7.80
N SER D 55 -4.34 29.20 8.67
CA SER D 55 -3.72 28.94 9.98
C SER D 55 -2.40 28.22 9.76
N SER D 56 -1.49 28.26 10.73
CA SER D 56 -0.17 27.70 10.51
C SER D 56 -0.23 26.18 10.45
N LYS D 57 -1.19 25.58 11.17
CA LYS D 57 -1.38 24.14 11.07
C LYS D 57 -1.89 23.81 9.67
N ALA D 58 -2.89 24.56 9.20
CA ALA D 58 -3.38 24.36 7.83
C ALA D 58 -2.24 24.53 6.83
N MET D 59 -1.35 25.48 7.06
CA MET D 59 -0.20 25.63 6.17
C MET D 59 0.71 24.43 6.31
N SER D 60 0.86 23.89 7.51
CA SER D 60 1.72 22.73 7.64
C SER D 60 1.28 21.54 6.75
N ILE D 61 -0.03 21.23 6.84
CA ILE D 61 -0.69 20.23 6.00
C ILE D 61 -0.53 20.57 4.52
N MET D 62 -0.71 21.84 4.16
CA MET D 62 -0.44 22.24 2.79
C MET D 62 0.99 21.96 2.43
N ASN D 63 1.92 22.28 3.33
CA ASN D 63 3.30 21.97 3.07
C ASN D 63 3.59 20.47 2.88
N SER D 64 2.96 19.66 3.75
CA SER D 64 3.08 18.20 3.66
C SER D 64 2.57 17.66 2.33
N PHE D 65 1.40 18.18 1.92
CA PHE D 65 0.73 17.76 0.69
C PHE D 65 1.59 17.99 -0.55
N VAL D 66 2.27 19.13 -0.64
CA VAL D 66 3.18 19.40 -1.79
C VAL D 66 4.39 18.45 -1.80
N ASN D 67 5.06 18.34 -0.66
CA ASN D 67 6.13 17.36 -0.49
C ASN D 67 5.71 15.97 -0.84
N ASP D 68 4.52 15.58 -0.37
CA ASP D 68 3.96 14.28 -0.71
C ASP D 68 3.82 14.07 -2.25
N VAL D 69 2.95 14.84 -2.88
CA VAL D 69 2.77 14.77 -4.32
C VAL D 69 4.09 14.88 -5.13
N PHE D 70 5.00 15.77 -4.70
CA PHE D 70 6.34 15.85 -5.30
C PHE D 70 7.04 14.49 -5.25
N GLU D 71 7.17 13.92 -4.04
CA GLU D 71 7.82 12.63 -3.88
C GLU D 71 7.15 11.53 -4.71
N ARG D 72 5.82 11.45 -4.66
CA ARG D 72 5.07 10.49 -5.47
C ARG D 72 5.24 10.62 -7.00
N ILE D 73 5.27 11.85 -7.53
CA ILE D 73 5.51 12.04 -8.98
C ILE D 73 6.97 11.71 -9.34
N ALA D 74 7.90 12.26 -8.56
CA ALA D 74 9.34 12.02 -8.75
C ALA D 74 9.67 10.50 -8.69
N GLY D 75 9.00 9.78 -7.79
CA GLY D 75 9.20 8.34 -7.70
C GLY D 75 8.73 7.63 -8.96
N GLU D 76 7.49 7.89 -9.38
CA GLU D 76 6.96 7.25 -10.57
C GLU D 76 7.86 7.58 -11.76
N ALA D 77 8.29 8.83 -11.85
CA ALA D 77 9.19 9.26 -12.93
C ALA D 77 10.47 8.44 -12.89
N SER D 78 11.02 8.32 -11.70
CA SER D 78 12.22 7.55 -11.45
C SER D 78 12.13 6.11 -11.98
N ARG D 79 11.10 5.37 -11.55
CA ARG D 79 10.86 4.00 -11.99
C ARG D 79 10.70 3.94 -13.50
N LEU D 80 9.88 4.84 -14.03
CA LEU D 80 9.58 4.90 -15.47
C LEU D 80 10.82 5.02 -16.34
N ALA D 81 11.70 5.95 -15.97
CA ALA D 81 13.00 6.08 -16.60
C ALA D 81 13.73 4.74 -16.56
N HIS D 82 13.88 4.18 -15.37
CA HIS D 82 14.60 2.93 -15.25
C HIS D 82 14.00 1.92 -16.18
N TYR D 83 12.69 1.67 -16.08
CA TYR D 83 12.04 0.68 -16.92
C TYR D 83 12.37 0.85 -18.39
N ASN D 84 12.64 2.09 -18.79
CA ASN D 84 12.98 2.41 -20.18
C ASN D 84 14.47 2.66 -20.39
N LYS D 85 15.30 2.22 -19.46
CA LYS D 85 16.77 2.32 -19.58
C LYS D 85 17.15 3.74 -20.01
N ARG D 86 16.61 4.72 -19.29
CA ARG D 86 16.89 6.11 -19.50
C ARG D 86 17.59 6.62 -18.27
N SER D 87 18.55 7.51 -18.46
CA SER D 87 19.24 8.09 -17.34
C SER D 87 18.73 9.49 -17.04
N THR D 88 17.80 9.98 -17.86
CA THR D 88 17.34 11.37 -17.75
C THR D 88 15.85 11.44 -17.43
N ILE D 89 15.47 12.29 -16.48
CA ILE D 89 14.06 12.56 -16.22
C ILE D 89 13.70 13.88 -16.88
N THR D 90 12.90 13.77 -17.93
CA THR D 90 12.46 14.93 -18.69
C THR D 90 11.02 15.26 -18.32
N SER D 91 10.50 16.34 -18.90
CA SER D 91 9.09 16.69 -18.73
C SER D 91 8.17 15.63 -19.32
N ARG D 92 8.70 14.78 -20.20
CA ARG D 92 7.91 13.67 -20.70
C ARG D 92 7.68 12.60 -19.60
N GLU D 93 8.73 12.33 -18.82
CA GLU D 93 8.62 11.42 -17.69
C GLU D 93 7.64 11.95 -16.65
N ILE D 94 7.77 13.23 -16.28
CA ILE D 94 6.87 13.81 -15.32
C ILE D 94 5.43 13.65 -15.80
N GLN D 95 5.25 13.81 -17.11
CA GLN D 95 3.94 13.78 -17.72
C GLN D 95 3.28 12.44 -17.51
N THR D 96 3.98 11.36 -17.88
CA THR D 96 3.44 10.03 -17.65
C THR D 96 3.20 9.72 -16.17
N ALA D 97 4.11 10.19 -15.31
CA ALA D 97 3.98 10.02 -13.87
C ALA D 97 2.68 10.62 -13.40
N VAL D 98 2.31 11.75 -14.00
CA VAL D 98 1.10 12.46 -13.60
C VAL D 98 -0.15 11.68 -14.02
N ARG D 99 -0.05 11.04 -15.18
CA ARG D 99 -1.14 10.28 -15.75
C ARG D 99 -1.32 8.98 -15.00
N LEU D 100 -0.19 8.44 -14.53
CA LEU D 100 -0.17 7.24 -13.68
C LEU D 100 -0.69 7.52 -12.27
N LEU D 101 -0.22 8.61 -11.68
CA LEU D 101 -0.55 8.94 -10.31
C LEU D 101 -1.94 9.55 -10.05
N LEU D 102 -2.37 10.50 -10.89
CA LEU D 102 -3.58 11.26 -10.58
C LEU D 102 -4.83 10.61 -11.17
N PRO D 103 -6.01 10.87 -10.59
CA PRO D 103 -7.23 10.37 -11.21
C PRO D 103 -7.77 11.29 -12.30
N GLY D 104 -8.42 10.65 -13.29
CA GLY D 104 -9.02 11.29 -14.46
C GLY D 104 -8.95 12.80 -14.66
N GLU D 105 -9.91 13.52 -14.13
CA GLU D 105 -10.02 14.93 -14.41
C GLU D 105 -8.84 15.75 -13.86
N LEU D 106 -8.32 15.40 -12.68
CA LEU D 106 -7.14 16.11 -12.16
C LEU D 106 -5.93 15.91 -13.07
N ALA D 107 -5.80 14.70 -13.62
CA ALA D 107 -4.73 14.37 -14.54
C ALA D 107 -4.82 15.20 -15.84
N LYS D 108 -6.02 15.21 -16.43
CA LYS D 108 -6.29 15.99 -17.64
C LYS D 108 -5.84 17.42 -17.44
N HIS D 109 -6.33 18.06 -16.38
CA HIS D 109 -6.03 19.46 -16.15
C HIS D 109 -4.61 19.74 -15.74
N ALA D 110 -3.99 18.84 -14.99
CA ALA D 110 -2.60 19.02 -14.54
C ALA D 110 -1.69 18.94 -15.75
N VAL D 111 -2.04 18.04 -16.66
CA VAL D 111 -1.31 17.90 -17.92
C VAL D 111 -1.36 19.15 -18.80
N SER D 112 -2.53 19.78 -18.92
CA SER D 112 -2.61 21.11 -19.53
C SER D 112 -1.57 22.06 -18.94
N GLU D 113 -1.63 22.23 -17.62
CA GLU D 113 -0.95 23.34 -16.98
C GLU D 113 0.57 23.18 -17.05
N GLY D 114 1.01 21.93 -17.06
CA GLY D 114 2.42 21.63 -17.15
C GLY D 114 2.90 21.76 -18.58
N THR D 115 2.10 21.29 -19.52
CA THR D 115 2.41 21.48 -20.93
C THR D 115 2.49 22.98 -21.24
N LYS D 116 1.46 23.70 -20.82
CA LYS D 116 1.40 25.14 -20.95
C LYS D 116 2.66 25.81 -20.43
N ALA D 117 3.14 25.36 -19.27
CA ALA D 117 4.27 26.00 -18.64
C ALA D 117 5.58 25.71 -19.38
N VAL D 118 5.67 24.51 -19.96
CA VAL D 118 6.89 24.12 -20.67
C VAL D 118 6.98 24.86 -22.00
N THR D 119 5.91 24.77 -22.80
CA THR D 119 5.77 25.57 -24.01
C THR D 119 6.12 27.04 -23.78
N LYS D 120 5.48 27.66 -22.80
CA LYS D 120 5.79 29.03 -22.43
C LYS D 120 7.21 29.20 -21.85
N TYR D 121 7.82 28.12 -21.37
CA TYR D 121 9.18 28.22 -20.86
C TYR D 121 10.19 28.21 -22.02
N THR D 122 9.94 27.33 -22.98
CA THR D 122 10.78 27.15 -24.17
C THR D 122 10.84 28.42 -25.01
N SER D 123 9.68 28.99 -25.30
CA SER D 123 9.61 30.23 -26.08
C SER D 123 10.14 31.48 -25.33
N ALA D 124 10.29 31.37 -24.01
CA ALA D 124 10.72 32.51 -23.21
C ALA D 124 12.25 32.61 -22.98
N LYS D 125 13.00 32.58 -24.08
CA LYS D 125 14.41 33.04 -24.11
C LYS D 125 14.88 33.26 -25.55
N PRO E 38 -39.01 14.41 37.07
CA PRO E 38 -38.26 13.25 36.58
C PRO E 38 -38.38 13.12 35.06
N HIS E 39 -37.26 13.17 34.35
CA HIS E 39 -37.30 13.16 32.88
C HIS E 39 -36.19 12.33 32.24
N ARG E 40 -36.52 11.70 31.10
CA ARG E 40 -35.61 10.74 30.42
C ARG E 40 -35.66 10.75 28.89
N TYR E 41 -34.49 10.78 28.27
CA TYR E 41 -34.44 10.45 26.84
C TYR E 41 -34.46 8.94 26.60
N ARG E 42 -35.12 8.51 25.54
CA ARG E 42 -35.13 7.10 25.16
C ARG E 42 -33.75 6.62 24.70
N PRO E 43 -33.36 5.38 25.07
CA PRO E 43 -32.06 4.92 24.61
C PRO E 43 -31.90 5.14 23.11
N GLY E 44 -30.78 5.73 22.72
CA GLY E 44 -30.49 5.97 21.31
C GLY E 44 -30.56 7.43 20.95
N THR E 45 -31.20 8.22 21.81
CA THR E 45 -31.42 9.62 21.51
C THR E 45 -30.18 10.41 21.90
N VAL E 46 -29.60 10.13 23.07
CA VAL E 46 -28.35 10.79 23.41
C VAL E 46 -27.28 10.27 22.45
N ALA E 47 -27.35 8.98 22.10
CA ALA E 47 -26.30 8.39 21.25
C ALA E 47 -26.18 9.14 19.94
N LEU E 48 -27.31 9.33 19.23
CA LEU E 48 -27.36 10.15 18.01
C LEU E 48 -26.94 11.60 18.24
N ARG E 49 -27.36 12.17 19.37
CA ARG E 49 -26.92 13.49 19.76
C ARG E 49 -25.38 13.53 19.73
N GLU E 50 -24.77 12.47 20.26
CA GLU E 50 -23.32 12.42 20.42
C GLU E 50 -22.62 12.27 19.08
N ILE E 51 -23.15 11.38 18.24
CA ILE E 51 -22.67 11.21 16.89
C ILE E 51 -22.62 12.56 16.16
N ARG E 52 -23.68 13.36 16.26
CA ARG E 52 -23.71 14.67 15.56
C ARG E 52 -22.66 15.61 16.14
N ARG E 53 -22.54 15.55 17.46
CA ARG E 53 -21.57 16.36 18.17
C ARG E 53 -20.15 16.01 17.75
N TYR E 54 -19.81 14.73 17.84
CA TYR E 54 -18.43 14.33 17.61
C TYR E 54 -18.03 14.36 16.12
N GLN E 55 -19.02 14.14 15.24
CA GLN E 55 -18.76 14.24 13.80
C GLN E 55 -18.58 15.69 13.33
N LYS E 56 -18.97 16.62 14.18
CA LYS E 56 -18.91 18.05 13.88
C LYS E 56 -17.59 18.61 14.33
N SER E 57 -16.98 18.01 15.35
CA SER E 57 -15.72 18.57 15.85
C SER E 57 -14.48 17.81 15.39
N THR E 58 -13.31 18.36 15.73
CA THR E 58 -12.06 17.72 15.44
C THR E 58 -11.11 17.50 16.64
N GLU E 59 -11.55 17.69 17.88
CA GLU E 59 -10.57 17.56 18.98
C GLU E 59 -10.28 16.11 19.20
N LEU E 60 -9.05 15.82 19.66
CA LEU E 60 -8.71 14.47 20.10
C LEU E 60 -9.66 13.99 21.20
N LEU E 61 -10.05 12.73 21.16
CA LEU E 61 -11.06 12.22 22.07
C LEU E 61 -10.47 11.36 23.23
N ILE E 62 -9.23 10.92 23.07
CA ILE E 62 -8.52 10.28 24.16
C ILE E 62 -7.77 11.35 24.97
N ARG E 63 -7.81 11.27 26.31
CA ARG E 63 -7.11 12.18 27.23
C ARG E 63 -5.60 12.12 26.97
N LYS E 64 -4.93 13.27 27.04
CA LYS E 64 -3.54 13.37 26.60
C LYS E 64 -2.58 12.50 27.39
N LEU E 65 -2.49 12.75 28.70
CA LEU E 65 -1.58 12.06 29.60
C LEU E 65 -1.72 10.55 29.58
N PRO E 66 -2.95 10.02 29.78
CA PRO E 66 -3.08 8.57 29.70
C PRO E 66 -2.46 8.05 28.44
N PHE E 67 -2.82 8.63 27.31
CA PHE E 67 -2.29 8.19 26.02
C PHE E 67 -0.77 8.28 26.03
N GLN E 68 -0.24 9.35 26.64
CA GLN E 68 1.21 9.55 26.70
C GLN E 68 1.95 8.42 27.48
N ARG E 69 1.36 8.00 28.61
CA ARG E 69 1.93 6.93 29.39
C ARG E 69 1.97 5.66 28.59
N LEU E 70 0.84 5.36 27.94
CA LEU E 70 0.72 4.19 27.06
C LEU E 70 1.78 4.13 25.98
N VAL E 71 2.11 5.27 25.40
CA VAL E 71 3.15 5.31 24.38
C VAL E 71 4.46 4.97 25.06
N ARG E 72 4.75 5.68 26.14
CA ARG E 72 6.06 5.57 26.79
C ARG E 72 6.32 4.14 27.30
N GLU E 73 5.24 3.51 27.79
CA GLU E 73 5.24 2.13 28.21
C GLU E 73 5.63 1.17 27.07
N ILE E 74 4.84 1.16 26.01
CA ILE E 74 5.09 0.32 24.85
C ILE E 74 6.52 0.56 24.33
N ALA E 75 6.92 1.83 24.25
CA ALA E 75 8.27 2.14 23.73
C ALA E 75 9.35 1.57 24.62
N GLN E 76 9.15 1.73 25.93
CA GLN E 76 10.11 1.27 26.90
C GLN E 76 10.32 -0.23 26.75
N ASP E 77 9.22 -0.98 26.64
CA ASP E 77 9.29 -2.39 26.30
C ASP E 77 10.09 -2.72 24.99
N PHE E 78 10.26 -1.77 24.07
CA PHE E 78 11.14 -2.02 22.92
C PHE E 78 12.56 -1.53 23.21
N LYS E 79 12.69 -0.51 24.05
CA LYS E 79 13.96 0.16 24.26
C LYS E 79 13.89 1.09 25.48
N THR E 80 14.85 0.94 26.39
CA THR E 80 14.85 1.77 27.60
C THR E 80 15.54 3.10 27.37
N ASP E 81 15.27 4.04 28.29
CA ASP E 81 15.91 5.36 28.33
C ASP E 81 15.69 6.13 27.04
N LEU E 82 14.44 6.12 26.56
CA LEU E 82 14.02 6.90 25.37
C LEU E 82 13.27 8.16 25.77
N ARG E 83 13.43 9.22 25.00
CA ARG E 83 12.65 10.43 25.22
C ARG E 83 11.78 10.63 23.99
N PHE E 84 10.68 11.37 24.14
CA PHE E 84 9.81 11.70 23.02
C PHE E 84 9.61 13.19 22.88
N GLN E 85 9.85 13.73 21.67
CA GLN E 85 9.40 15.09 21.35
C GLN E 85 7.92 15.15 21.53
N SER E 86 7.39 16.22 22.09
CA SER E 86 5.96 16.16 22.41
C SER E 86 5.12 16.00 21.15
N SER E 87 5.57 16.57 20.03
CA SER E 87 4.81 16.45 18.81
C SER E 87 4.82 15.02 18.32
N ALA E 88 5.87 14.28 18.62
CA ALA E 88 5.88 12.85 18.26
C ALA E 88 4.75 12.12 18.96
N VAL E 89 4.45 12.50 20.17
CA VAL E 89 3.33 11.84 20.86
C VAL E 89 2.03 12.28 20.18
N MET E 90 1.95 13.56 19.83
CA MET E 90 0.78 14.13 19.17
C MET E 90 0.55 13.46 17.81
N ALA E 91 1.64 13.29 17.06
CA ALA E 91 1.58 12.61 15.79
C ALA E 91 0.93 11.25 15.95
N LEU E 92 1.45 10.46 16.89
CA LEU E 92 0.90 9.13 17.21
C LEU E 92 -0.56 9.20 17.62
N GLN E 93 -0.90 10.17 18.46
CA GLN E 93 -2.28 10.27 18.91
C GLN E 93 -3.23 10.58 17.75
N GLU E 94 -2.88 11.57 16.92
CA GLU E 94 -3.60 11.89 15.70
C GLU E 94 -3.74 10.68 14.78
N ALA E 95 -2.64 9.97 14.53
CA ALA E 95 -2.74 8.75 13.74
C ALA E 95 -3.68 7.73 14.39
N SER E 96 -3.55 7.52 15.69
CA SER E 96 -4.24 6.44 16.38
C SER E 96 -5.74 6.63 16.41
N GLU E 97 -6.16 7.83 16.84
CA GLU E 97 -7.57 8.23 16.75
C GLU E 97 -8.11 8.17 15.31
N ALA E 98 -7.33 8.59 14.33
CA ALA E 98 -7.82 8.55 12.96
C ALA E 98 -8.02 7.10 12.54
N TYR E 99 -7.08 6.25 12.93
CA TYR E 99 -7.17 4.83 12.66
C TYR E 99 -8.40 4.21 13.33
N LEU E 100 -8.67 4.61 14.57
CA LEU E 100 -9.69 3.93 15.32
C LEU E 100 -11.09 4.33 14.86
N VAL E 101 -11.25 5.62 14.53
CA VAL E 101 -12.52 6.16 14.01
C VAL E 101 -12.87 5.53 12.68
N ALA E 102 -11.89 5.35 11.79
CA ALA E 102 -12.15 4.67 10.53
C ALA E 102 -12.54 3.20 10.75
N LEU E 103 -11.89 2.56 11.73
CA LEU E 103 -12.12 1.16 12.00
C LEU E 103 -13.56 0.95 12.49
N PHE E 104 -14.02 1.88 13.32
CA PHE E 104 -15.39 1.85 13.78
C PHE E 104 -16.43 2.06 12.67
N GLU E 105 -16.17 2.92 11.67
CA GLU E 105 -17.14 3.00 10.55
C GLU E 105 -17.21 1.63 9.93
N ASP E 106 -16.06 1.05 9.62
CA ASP E 106 -16.04 -0.25 8.97
C ASP E 106 -16.75 -1.29 9.83
N THR E 107 -16.51 -1.20 11.13
CA THR E 107 -17.11 -2.10 12.14
C THR E 107 -18.63 -1.95 12.13
N ASN E 108 -19.08 -0.70 12.24
CA ASN E 108 -20.48 -0.34 12.13
C ASN E 108 -21.16 -0.90 10.89
N LEU E 109 -20.47 -0.86 9.76
CA LEU E 109 -21.00 -1.42 8.53
C LEU E 109 -21.19 -2.91 8.67
N CYS E 110 -20.24 -3.57 9.33
CA CYS E 110 -20.30 -5.01 9.56
C CYS E 110 -21.49 -5.46 10.43
N ALA E 111 -21.69 -4.79 11.55
CA ALA E 111 -22.92 -4.92 12.30
C ALA E 111 -24.16 -4.76 11.39
N ILE E 112 -24.26 -3.65 10.68
CA ILE E 112 -25.48 -3.36 9.91
C ILE E 112 -25.68 -4.48 8.90
N HIS E 113 -24.58 -4.98 8.34
CA HIS E 113 -24.68 -6.06 7.35
C HIS E 113 -25.35 -7.28 7.96
N ALA E 114 -25.21 -7.41 9.27
CA ALA E 114 -25.70 -8.54 10.04
C ALA E 114 -27.09 -8.26 10.54
N LYS E 115 -27.68 -7.19 10.03
CA LYS E 115 -29.00 -6.73 10.49
C LYS E 115 -29.04 -6.36 11.98
N ARG E 116 -27.91 -5.91 12.52
CA ARG E 116 -27.87 -5.37 13.87
C ARG E 116 -27.58 -3.86 13.85
N VAL E 117 -27.74 -3.21 15.00
CA VAL E 117 -27.29 -1.82 15.16
C VAL E 117 -26.22 -1.74 16.27
N THR E 118 -25.93 -2.89 16.87
CA THR E 118 -24.92 -2.97 17.93
C THR E 118 -23.56 -3.52 17.46
N ILE E 119 -22.51 -2.71 17.53
CA ILE E 119 -21.19 -3.25 17.19
C ILE E 119 -20.67 -4.31 18.22
N MET E 120 -20.13 -5.42 17.71
CA MET E 120 -19.62 -6.50 18.58
C MET E 120 -18.20 -6.86 18.16
N PRO E 121 -17.46 -7.56 19.04
CA PRO E 121 -16.09 -7.87 18.66
C PRO E 121 -15.99 -8.59 17.32
N LYS E 122 -16.96 -9.45 17.04
CA LYS E 122 -16.95 -10.13 15.77
C LYS E 122 -16.96 -9.15 14.61
N ASP E 123 -17.56 -7.97 14.79
CA ASP E 123 -17.65 -7.02 13.69
C ASP E 123 -16.27 -6.44 13.46
N ILE E 124 -15.59 -6.06 14.54
CA ILE E 124 -14.24 -5.55 14.45
C ILE E 124 -13.34 -6.56 13.77
N GLN E 125 -13.45 -7.81 14.21
CA GLN E 125 -12.72 -8.91 13.60
C GLN E 125 -13.01 -9.08 12.12
N LEU E 126 -14.24 -8.90 11.68
CA LEU E 126 -14.52 -9.14 10.26
C LEU E 126 -13.84 -8.03 9.48
N ALA E 127 -13.90 -6.81 10.02
CA ALA E 127 -13.34 -5.62 9.40
C ALA E 127 -11.86 -5.79 9.20
N ARG E 128 -11.19 -6.27 10.25
CA ARG E 128 -9.76 -6.33 10.22
C ARG E 128 -9.28 -7.46 9.33
N ARG E 129 -10.04 -8.56 9.24
CA ARG E 129 -9.67 -9.63 8.30
C ARG E 129 -9.77 -9.08 6.90
N ILE E 130 -10.95 -8.59 6.53
CA ILE E 130 -11.15 -8.06 5.20
C ILE E 130 -10.15 -6.97 4.84
N ARG E 131 -9.83 -6.09 5.78
CA ARG E 131 -8.82 -5.04 5.58
C ARG E 131 -7.40 -5.61 5.32
N GLY E 132 -7.23 -6.91 5.50
CA GLY E 132 -5.92 -7.48 5.38
C GLY E 132 -5.01 -7.16 6.54
N GLU E 133 -5.57 -6.82 7.70
CA GLU E 133 -4.77 -6.71 8.92
C GLU E 133 -4.53 -8.10 9.54
N ARG E 134 -5.19 -9.10 8.97
CA ARG E 134 -4.85 -10.51 9.17
C ARG E 134 -5.07 -11.29 7.88
N LYS F 16 20.23 10.92 37.17
CA LYS F 16 18.80 10.78 37.59
C LYS F 16 18.62 9.75 38.71
N ARG F 17 17.89 10.16 39.75
CA ARG F 17 17.52 9.25 40.83
C ARG F 17 16.07 8.75 40.72
N HIS F 18 15.94 7.43 40.49
CA HIS F 18 14.66 6.69 40.46
C HIS F 18 13.90 6.97 39.19
N ARG F 19 13.12 5.99 38.74
CA ARG F 19 12.47 6.07 37.44
C ARG F 19 11.15 5.29 37.41
N LYS F 20 10.05 5.95 37.80
CA LYS F 20 8.70 5.33 38.00
C LYS F 20 8.29 4.20 37.04
N VAL F 21 7.75 3.11 37.58
CA VAL F 21 7.41 1.90 36.79
C VAL F 21 6.09 2.09 36.07
N LEU F 22 6.11 1.85 34.75
CA LEU F 22 4.92 1.95 33.92
C LEU F 22 4.27 0.59 33.77
N ARG F 23 3.01 0.48 34.18
CA ARG F 23 2.28 -0.76 33.96
C ARG F 23 0.80 -0.52 33.82
N ASP F 24 0.16 -1.31 32.96
CA ASP F 24 -1.31 -1.31 32.80
C ASP F 24 -1.90 -0.02 32.18
N ASN F 25 -1.05 0.82 31.63
CA ASN F 25 -1.50 2.05 31.05
C ASN F 25 -2.60 1.94 29.96
N ILE F 26 -2.65 0.83 29.22
CA ILE F 26 -3.75 0.52 28.31
C ILE F 26 -5.09 0.90 28.93
N GLN F 27 -5.14 1.06 30.25
CA GLN F 27 -6.44 1.21 30.89
C GLN F 27 -6.81 2.66 31.02
N GLY F 28 -5.90 3.52 30.59
CA GLY F 28 -6.14 4.95 30.51
C GLY F 28 -6.97 5.29 29.29
N ILE F 29 -7.07 4.32 28.36
CA ILE F 29 -7.99 4.37 27.25
C ILE F 29 -9.32 3.92 27.82
N THR F 30 -10.00 4.89 28.41
CA THR F 30 -11.21 4.61 29.16
C THR F 30 -12.40 4.26 28.31
N LYS F 31 -13.40 3.65 28.93
CA LYS F 31 -14.71 3.36 28.30
C LYS F 31 -15.33 4.59 27.65
N PRO F 32 -15.40 5.73 28.36
CA PRO F 32 -15.94 6.91 27.68
C PRO F 32 -15.11 7.41 26.48
N ALA F 33 -13.78 7.33 26.54
CA ALA F 33 -12.98 7.81 25.45
C ALA F 33 -13.25 6.94 24.19
N ILE F 34 -13.49 5.65 24.43
CA ILE F 34 -13.66 4.69 23.34
C ILE F 34 -15.04 4.88 22.76
N ARG F 35 -15.98 5.27 23.62
CA ARG F 35 -17.31 5.55 23.15
C ARG F 35 -17.27 6.81 22.26
N ARG F 36 -16.56 7.85 22.70
CA ARG F 36 -16.46 9.02 21.85
C ARG F 36 -15.95 8.66 20.45
N LEU F 37 -14.87 7.87 20.35
CA LEU F 37 -14.32 7.51 19.02
C LEU F 37 -15.32 6.74 18.15
N ALA F 38 -16.02 5.76 18.75
CA ALA F 38 -17.16 5.11 18.08
C ALA F 38 -18.18 6.12 17.51
N ARG F 39 -18.45 7.16 18.30
CA ARG F 39 -19.42 8.19 17.91
C ARG F 39 -18.94 8.95 16.68
N ARG F 40 -17.72 9.47 16.75
CA ARG F 40 -17.14 10.11 15.61
C ARG F 40 -17.18 9.17 14.43
N GLY F 41 -17.15 7.87 14.72
CA GLY F 41 -17.21 6.85 13.67
C GLY F 41 -18.64 6.42 13.34
N GLY F 42 -19.60 7.07 13.96
CA GLY F 42 -20.99 6.90 13.56
C GLY F 42 -21.70 5.70 14.17
N VAL F 43 -21.21 5.24 15.33
CA VAL F 43 -21.71 4.05 15.96
C VAL F 43 -22.75 4.45 16.99
N LYS F 44 -23.91 3.82 16.93
CA LYS F 44 -25.01 4.13 17.86
C LYS F 44 -25.02 3.26 19.09
N ARG F 45 -24.76 1.96 18.93
CA ARG F 45 -24.88 1.04 20.04
C ARG F 45 -23.61 0.19 20.18
N ILE F 46 -23.11 0.09 21.42
CA ILE F 46 -21.85 -0.58 21.70
C ILE F 46 -21.97 -1.69 22.75
N SER F 47 -21.79 -2.94 22.32
CA SER F 47 -21.75 -4.11 23.21
C SER F 47 -20.60 -4.02 24.19
N GLY F 48 -20.81 -4.57 25.37
CA GLY F 48 -19.86 -4.39 26.50
C GLY F 48 -18.46 -4.90 26.25
N LEU F 49 -18.35 -5.86 25.34
CA LEU F 49 -17.08 -6.47 25.02
C LEU F 49 -16.18 -5.63 24.07
N ILE F 50 -16.71 -4.52 23.55
CA ILE F 50 -15.99 -3.76 22.53
C ILE F 50 -14.74 -3.15 23.16
N TYR F 51 -14.89 -2.66 24.39
CA TYR F 51 -13.80 -1.94 25.03
C TYR F 51 -12.49 -2.71 25.16
N GLU F 52 -12.53 -3.96 25.64
CA GLU F 52 -11.31 -4.75 25.69
C GLU F 52 -10.77 -4.98 24.29
N GLU F 53 -11.67 -5.32 23.36
CA GLU F 53 -11.27 -5.57 21.98
C GLU F 53 -10.58 -4.37 21.39
N THR F 54 -11.13 -3.19 21.66
CA THR F 54 -10.53 -1.97 21.13
C THR F 54 -9.16 -1.73 21.73
N ARG F 55 -9.03 -1.95 23.04
CA ARG F 55 -7.74 -1.81 23.70
C ARG F 55 -6.68 -2.71 23.03
N GLY F 56 -7.04 -3.95 22.74
CA GLY F 56 -6.15 -4.86 22.06
C GLY F 56 -5.69 -4.30 20.72
N VAL F 57 -6.67 -3.97 19.86
CA VAL F 57 -6.43 -3.42 18.53
C VAL F 57 -5.54 -2.18 18.61
N LEU F 58 -5.84 -1.27 19.54
CA LEU F 58 -5.01 -0.10 19.67
C LEU F 58 -3.57 -0.48 20.03
N LYS F 59 -3.42 -1.38 20.99
CA LYS F 59 -2.09 -1.86 21.39
C LYS F 59 -1.27 -2.40 20.20
N VAL F 60 -1.87 -3.25 19.38
CA VAL F 60 -1.20 -3.75 18.17
C VAL F 60 -0.86 -2.59 17.24
N PHE F 61 -1.77 -1.64 17.10
CA PHE F 61 -1.51 -0.56 16.19
C PHE F 61 -0.28 0.20 16.66
N LEU F 62 -0.29 0.60 17.94
CA LEU F 62 0.84 1.35 18.53
C LEU F 62 2.20 0.63 18.51
N GLU F 63 2.20 -0.67 18.83
CA GLU F 63 3.40 -1.47 18.79
C GLU F 63 4.06 -1.40 17.43
N ASN F 64 3.28 -1.62 16.37
CA ASN F 64 3.79 -1.58 15.01
C ASN F 64 4.36 -0.23 14.65
N VAL F 65 3.64 0.84 15.03
CA VAL F 65 4.14 2.14 14.67
C VAL F 65 5.34 2.48 15.55
N ILE F 66 5.25 2.24 16.86
CA ILE F 66 6.37 2.60 17.73
C ILE F 66 7.66 1.82 17.40
N ARG F 67 7.55 0.52 17.09
CA ARG F 67 8.71 -0.29 16.68
C ARG F 67 9.47 0.43 15.57
N ASP F 68 8.78 0.69 14.45
CA ASP F 68 9.37 1.40 13.29
C ASP F 68 9.87 2.79 13.66
N ALA F 69 9.08 3.53 14.43
CA ALA F 69 9.53 4.84 14.85
C ALA F 69 10.85 4.71 15.57
N VAL F 70 10.89 3.85 16.61
CA VAL F 70 12.09 3.64 17.42
C VAL F 70 13.27 3.11 16.58
N THR F 71 12.98 2.20 15.65
CA THR F 71 14.02 1.78 14.72
C THR F 71 14.72 2.99 14.02
N TYR F 72 13.93 3.91 13.46
CA TYR F 72 14.44 5.18 12.89
C TYR F 72 15.27 5.98 13.91
N THR F 73 14.73 6.13 15.12
CA THR F 73 15.47 6.76 16.19
C THR F 73 16.85 6.14 16.36
N GLU F 74 16.91 4.83 16.59
CA GLU F 74 18.19 4.14 16.83
C GLU F 74 19.11 4.27 15.63
N HIS F 75 18.56 4.17 14.43
CA HIS F 75 19.45 4.24 13.27
C HIS F 75 20.16 5.57 13.19
N ALA F 76 19.48 6.60 13.68
CA ALA F 76 20.02 7.94 13.71
C ALA F 76 20.95 8.15 14.90
N LYS F 77 21.11 7.14 15.77
CA LYS F 77 21.92 7.23 17.01
C LYS F 77 21.41 8.30 18.00
N ARG F 78 20.09 8.40 18.13
CA ARG F 78 19.46 9.37 19.00
C ARG F 78 18.80 8.67 20.18
N LYS F 79 18.40 9.43 21.18
CA LYS F 79 17.72 8.88 22.36
C LYS F 79 16.30 9.42 22.41
N THR F 80 16.06 10.40 21.56
CA THR F 80 14.77 11.05 21.47
C THR F 80 14.06 10.66 20.19
N VAL F 81 12.83 10.19 20.33
CA VAL F 81 11.98 9.89 19.21
C VAL F 81 11.37 11.18 18.67
N THR F 82 11.60 11.48 17.39
CA THR F 82 11.11 12.73 16.82
C THR F 82 9.75 12.56 16.17
N ALA F 83 9.00 13.66 16.10
CA ALA F 83 7.85 13.77 15.21
C ALA F 83 8.14 13.15 13.84
N MET F 84 9.31 13.43 13.29
CA MET F 84 9.75 12.83 12.03
C MET F 84 9.90 11.31 12.08
N ASP F 85 10.37 10.75 13.18
CA ASP F 85 10.52 9.28 13.27
C ASP F 85 9.16 8.62 13.13
N VAL F 86 8.19 9.15 13.88
CA VAL F 86 6.80 8.72 13.78
C VAL F 86 6.21 8.98 12.38
N VAL F 87 6.48 10.16 11.81
CA VAL F 87 5.94 10.45 10.49
C VAL F 87 6.43 9.43 9.47
N TYR F 88 7.72 9.14 9.46
CA TYR F 88 8.29 8.12 8.58
C TYR F 88 7.79 6.73 8.86
N ALA F 89 7.45 6.45 10.11
CA ALA F 89 7.01 5.11 10.46
C ALA F 89 5.64 5.01 9.89
N LEU F 90 4.84 6.04 10.13
CA LEU F 90 3.48 6.07 9.63
C LEU F 90 3.42 5.88 8.10
N LYS F 91 4.33 6.54 7.38
CA LYS F 91 4.39 6.39 5.94
C LYS F 91 4.66 4.94 5.50
N ARG F 92 5.70 4.32 6.03
CA ARG F 92 6.03 2.90 5.74
C ARG F 92 4.84 2.00 5.85
N GLN F 93 3.99 2.25 6.84
CA GLN F 93 2.89 1.38 7.09
C GLN F 93 1.63 1.73 6.37
N GLY F 94 1.74 2.57 5.34
CA GLY F 94 0.59 3.05 4.58
C GLY F 94 -0.43 3.86 5.35
N ARG F 95 -0.01 4.58 6.40
CA ARG F 95 -0.88 5.51 7.11
C ARG F 95 -0.22 6.91 7.16
N THR F 96 0.17 7.45 6.00
CA THR F 96 0.71 8.82 5.92
C THR F 96 -0.04 9.89 6.67
N LEU F 97 0.70 10.71 7.38
CA LEU F 97 0.11 11.77 8.22
C LEU F 97 0.59 13.14 7.74
N TYR F 98 -0.34 14.09 7.60
CA TYR F 98 0.05 15.46 7.35
C TYR F 98 -0.13 16.24 8.61
N GLY F 99 0.76 17.20 8.85
CA GLY F 99 0.57 18.18 9.93
C GLY F 99 1.69 18.27 10.93
N PHE F 100 2.73 17.44 10.73
CA PHE F 100 3.82 17.27 11.70
C PHE F 100 5.21 17.29 11.06
N GLY F 101 5.31 17.69 9.80
CA GLY F 101 6.60 17.88 9.17
C GLY F 101 6.82 16.90 8.04
N GLY F 102 5.77 16.20 7.68
CA GLY F 102 5.92 15.25 6.58
C GLY F 102 4.71 15.07 5.66
N ALA G 14 42.90 -13.85 -9.38
CA ALA G 14 41.54 -13.26 -9.17
C ALA G 14 40.61 -14.21 -8.40
N LYS G 15 39.94 -13.70 -7.38
CA LYS G 15 38.94 -14.48 -6.61
C LYS G 15 37.69 -13.67 -6.29
N THR G 16 36.54 -14.17 -6.76
CA THR G 16 35.26 -13.46 -6.63
C THR G 16 34.98 -13.04 -5.19
N ARG G 17 34.38 -11.86 -5.04
CA ARG G 17 33.95 -11.37 -3.74
C ARG G 17 32.90 -12.27 -3.07
N SER G 18 32.13 -13.00 -3.88
CA SER G 18 31.17 -13.98 -3.35
C SER G 18 31.86 -15.10 -2.59
N SER G 19 32.85 -15.74 -3.22
CA SER G 19 33.66 -16.77 -2.58
C SER G 19 34.44 -16.27 -1.36
N ARG G 20 34.86 -15.00 -1.38
CA ARG G 20 35.46 -14.35 -0.21
C ARG G 20 34.48 -14.25 0.95
N ALA G 21 33.20 -14.01 0.63
CA ALA G 21 32.14 -13.84 1.63
C ALA G 21 31.38 -15.14 1.88
N GLY G 22 31.73 -16.17 1.11
CA GLY G 22 31.25 -17.52 1.31
C GLY G 22 29.84 -17.66 0.82
N LEU G 23 29.55 -16.94 -0.25
CA LEU G 23 28.19 -16.79 -0.76
C LEU G 23 28.04 -17.27 -2.18
N GLN G 24 26.94 -17.95 -2.44
CA GLN G 24 26.57 -18.37 -3.78
C GLN G 24 26.00 -17.23 -4.62
N PHE G 25 25.70 -16.09 -3.99
CA PHE G 25 24.96 -15.02 -4.64
C PHE G 25 25.90 -13.89 -4.99
N PRO G 26 25.76 -13.32 -6.20
CA PRO G 26 26.77 -12.45 -6.79
C PRO G 26 26.93 -11.09 -6.11
N VAL G 27 27.89 -11.01 -5.21
CA VAL G 27 28.27 -9.75 -4.60
C VAL G 27 28.58 -8.69 -5.65
N GLY G 28 29.26 -9.09 -6.72
CA GLY G 28 29.59 -8.17 -7.80
C GLY G 28 28.35 -7.55 -8.42
N ARG G 29 27.44 -8.40 -8.88
CA ARG G 29 26.24 -7.94 -9.55
C ARG G 29 25.39 -7.09 -8.63
N VAL G 30 25.23 -7.56 -7.39
CA VAL G 30 24.48 -6.82 -6.40
C VAL G 30 25.09 -5.42 -6.25
N HIS G 31 26.43 -5.33 -6.25
CA HIS G 31 27.09 -4.05 -6.09
C HIS G 31 26.69 -3.11 -7.20
N ARG G 32 26.80 -3.62 -8.42
CA ARG G 32 26.52 -2.87 -9.64
C ARG G 32 25.09 -2.35 -9.64
N LEU G 33 24.14 -3.29 -9.54
CA LEU G 33 22.72 -2.98 -9.51
C LEU G 33 22.37 -1.88 -8.51
N LEU G 34 23.07 -1.84 -7.36
CA LEU G 34 22.87 -0.76 -6.40
C LEU G 34 23.32 0.61 -6.90
N ARG G 35 24.42 0.67 -7.67
CA ARG G 35 24.90 1.96 -8.19
C ARG G 35 23.94 2.46 -9.24
N LYS G 36 23.62 1.59 -10.18
CA LYS G 36 22.83 2.01 -11.31
C LYS G 36 21.35 1.94 -10.94
N GLY G 37 21.08 2.19 -9.66
CA GLY G 37 19.73 2.14 -9.12
C GLY G 37 19.35 3.48 -8.52
N ASN G 38 20.29 4.43 -8.53
CA ASN G 38 20.06 5.75 -7.95
C ASN G 38 19.49 5.63 -6.53
N TYR G 39 20.03 4.70 -5.77
CA TYR G 39 19.59 4.54 -4.39
C TYR G 39 20.29 5.57 -3.50
N ALA G 40 21.59 5.82 -3.76
CA ALA G 40 22.31 6.99 -3.21
C ALA G 40 23.50 7.35 -4.06
N GLU G 41 24.12 8.51 -3.77
CA GLU G 41 25.35 8.97 -4.45
C GLU G 41 26.45 7.91 -4.43
N ARG G 42 26.57 7.23 -3.29
CA ARG G 42 27.72 6.40 -2.96
C ARG G 42 27.27 5.08 -2.35
N VAL G 43 28.13 4.07 -2.38
CA VAL G 43 27.81 2.72 -1.92
C VAL G 43 29.00 2.08 -1.24
N GLY G 44 28.91 1.90 0.07
CA GLY G 44 29.97 1.25 0.85
C GLY G 44 30.28 -0.17 0.39
N ALA G 45 31.43 -0.70 0.77
CA ALA G 45 31.90 -1.98 0.29
C ALA G 45 31.15 -3.19 0.85
N GLY G 46 30.61 -3.08 2.07
CA GLY G 46 29.93 -4.21 2.72
C GLY G 46 28.48 -4.40 2.31
N ALA G 47 27.82 -3.28 2.03
CA ALA G 47 26.43 -3.26 1.64
C ALA G 47 26.05 -4.35 0.62
N PRO G 48 26.83 -4.53 -0.46
CA PRO G 48 26.39 -5.57 -1.39
C PRO G 48 26.58 -6.96 -0.80
N VAL G 49 27.59 -7.13 0.06
CA VAL G 49 27.87 -8.42 0.70
C VAL G 49 26.68 -8.76 1.60
N TYR G 50 26.39 -7.83 2.52
CA TYR G 50 25.23 -7.91 3.39
C TYR G 50 23.93 -8.21 2.60
N LEU G 51 23.65 -7.36 1.62
CA LEU G 51 22.45 -7.48 0.82
C LEU G 51 22.38 -8.83 0.15
N ALA G 52 23.50 -9.29 -0.42
CA ALA G 52 23.53 -10.55 -1.14
C ALA G 52 23.29 -11.76 -0.23
N ALA G 53 23.76 -11.67 1.02
CA ALA G 53 23.63 -12.73 2.01
C ALA G 53 22.16 -12.93 2.31
N VAL G 54 21.52 -11.78 2.60
CA VAL G 54 20.13 -11.70 2.93
C VAL G 54 19.26 -12.33 1.83
N LEU G 55 19.60 -12.04 0.58
CA LEU G 55 18.84 -12.59 -0.53
C LEU G 55 19.07 -14.10 -0.61
N GLU G 56 20.30 -14.53 -0.31
CA GLU G 56 20.65 -15.94 -0.40
C GLU G 56 19.84 -16.65 0.66
N TYR G 57 19.95 -16.10 1.86
CA TYR G 57 19.25 -16.60 3.01
C TYR G 57 17.76 -16.89 2.70
N LEU G 58 17.08 -15.84 2.25
CA LEU G 58 15.65 -15.90 2.01
C LEU G 58 15.33 -16.87 0.89
N THR G 59 16.24 -16.98 -0.07
CA THR G 59 16.06 -17.94 -1.17
C THR G 59 16.07 -19.36 -0.63
N ALA G 60 17.03 -19.62 0.25
CA ALA G 60 17.19 -20.94 0.83
C ALA G 60 15.92 -21.36 1.58
N GLU G 61 15.48 -20.50 2.50
CA GLU G 61 14.30 -20.78 3.30
C GLU G 61 13.13 -21.26 2.43
N ILE G 62 12.83 -20.50 1.38
CA ILE G 62 11.73 -20.78 0.49
C ILE G 62 11.98 -22.05 -0.27
N LEU G 63 13.20 -22.22 -0.78
CA LEU G 63 13.53 -23.43 -1.53
C LEU G 63 13.43 -24.64 -0.61
N GLU G 64 13.91 -24.52 0.63
CA GLU G 64 13.74 -25.60 1.59
C GLU G 64 12.30 -26.02 1.74
N LEU G 65 11.44 -25.06 2.05
CA LEU G 65 10.05 -25.38 2.33
C LEU G 65 9.31 -25.83 1.09
N ALA G 66 9.73 -25.32 -0.07
CA ALA G 66 9.10 -25.68 -1.33
C ALA G 66 9.52 -27.08 -1.75
N GLY G 67 10.77 -27.41 -1.44
CA GLY G 67 11.26 -28.77 -1.59
C GLY G 67 10.41 -29.70 -0.74
N ASN G 68 10.27 -29.38 0.54
CA ASN G 68 9.45 -30.19 1.45
C ASN G 68 8.06 -30.39 0.88
N ALA G 69 7.52 -29.31 0.31
CA ALA G 69 6.21 -29.32 -0.30
C ALA G 69 6.17 -30.24 -1.51
N ALA G 70 7.27 -30.25 -2.28
CA ALA G 70 7.46 -31.19 -3.40
C ALA G 70 7.44 -32.65 -2.91
N ARG G 71 8.27 -32.92 -1.90
CA ARG G 71 8.32 -34.22 -1.26
C ARG G 71 6.90 -34.69 -0.89
N ASP G 72 6.19 -33.91 -0.06
CA ASP G 72 4.84 -34.27 0.34
C ASP G 72 4.01 -34.77 -0.82
N ASN G 73 4.09 -34.07 -1.95
CA ASN G 73 3.21 -34.39 -3.07
C ASN G 73 3.83 -35.41 -4.02
N LYS G 74 4.90 -36.06 -3.54
CA LYS G 74 5.56 -37.16 -4.23
C LYS G 74 6.19 -36.66 -5.53
N LYS G 75 6.95 -35.57 -5.42
CA LYS G 75 7.61 -34.95 -6.57
C LYS G 75 9.05 -34.53 -6.27
N THR G 76 9.87 -34.43 -7.31
CA THR G 76 11.26 -33.99 -7.14
C THR G 76 11.53 -32.68 -7.87
N ARG G 77 10.62 -32.34 -8.78
CA ARG G 77 10.66 -31.05 -9.48
C ARG G 77 9.74 -30.04 -8.81
N ILE G 78 10.31 -28.95 -8.29
CA ILE G 78 9.52 -27.83 -7.70
C ILE G 78 8.76 -27.06 -8.78
N ILE G 79 7.45 -26.94 -8.59
CA ILE G 79 6.61 -26.11 -9.45
C ILE G 79 6.00 -24.91 -8.66
N PRO G 80 5.39 -23.94 -9.38
CA PRO G 80 4.74 -22.83 -8.70
C PRO G 80 3.85 -23.27 -7.51
N ARG G 81 3.08 -24.33 -7.69
CA ARG G 81 2.20 -24.79 -6.62
C ARG G 81 2.97 -25.07 -5.38
N HIS G 82 4.21 -25.52 -5.55
CA HIS G 82 5.01 -25.83 -4.37
C HIS G 82 5.48 -24.59 -3.68
N LEU G 83 5.74 -23.52 -4.45
CA LEU G 83 6.15 -22.21 -3.86
C LEU G 83 5.00 -21.57 -3.11
N GLN G 84 3.81 -21.64 -3.71
CA GLN G 84 2.58 -21.19 -3.05
C GLN G 84 2.32 -21.92 -1.72
N LEU G 85 2.28 -23.25 -1.72
CA LEU G 85 2.08 -24.00 -0.47
C LEU G 85 3.14 -23.65 0.57
N ALA G 86 4.38 -23.44 0.11
CA ALA G 86 5.46 -23.16 1.04
C ALA G 86 5.24 -21.82 1.74
N VAL G 87 4.96 -20.79 0.92
CA VAL G 87 4.84 -19.41 1.40
C VAL G 87 3.56 -19.20 2.26
N ARG G 88 2.42 -19.74 1.85
CA ARG G 88 1.21 -19.42 2.60
C ARG G 88 1.01 -20.35 3.79
N ASN G 89 1.87 -21.34 3.96
CA ASN G 89 1.78 -22.20 5.15
C ASN G 89 2.75 -21.77 6.21
N ASP G 90 3.58 -20.77 5.89
CA ASP G 90 4.49 -20.16 6.85
C ASP G 90 4.09 -18.72 7.14
N GLU G 91 3.69 -18.50 8.39
CA GLU G 91 3.25 -17.21 8.89
C GLU G 91 4.10 -16.05 8.40
N GLU G 92 5.43 -16.17 8.54
CA GLU G 92 6.36 -15.08 8.28
C GLU G 92 6.61 -14.80 6.79
N LEU G 93 6.81 -15.86 6.00
CA LEU G 93 6.85 -15.73 4.55
C LEU G 93 5.56 -15.18 3.97
N ASN G 94 4.41 -15.62 4.52
CA ASN G 94 3.11 -15.18 4.06
C ASN G 94 2.92 -13.71 4.28
N LYS G 95 3.46 -13.22 5.39
CA LYS G 95 3.28 -11.81 5.72
C LYS G 95 4.16 -10.97 4.79
N LEU G 96 5.41 -11.39 4.60
CA LEU G 96 6.31 -10.71 3.67
C LEU G 96 5.78 -10.67 2.25
N LEU G 97 5.07 -11.71 1.83
CA LEU G 97 4.56 -11.81 0.47
C LEU G 97 3.05 -11.62 0.44
N GLY G 98 2.53 -10.90 1.42
CA GLY G 98 1.09 -10.78 1.59
C GLY G 98 0.36 -9.91 0.58
N ARG G 99 1.12 -9.14 -0.19
CA ARG G 99 0.55 -8.40 -1.31
C ARG G 99 1.21 -8.86 -2.62
N VAL G 100 1.48 -10.16 -2.70
CA VAL G 100 2.11 -10.76 -3.86
C VAL G 100 1.30 -11.95 -4.35
N THR G 101 1.23 -12.10 -5.68
CA THR G 101 0.57 -13.23 -6.30
C THR G 101 1.60 -14.02 -7.05
N ILE G 102 1.64 -15.31 -6.74
CA ILE G 102 2.54 -16.26 -7.40
C ILE G 102 1.73 -16.86 -8.52
N ALA G 103 2.16 -16.59 -9.74
CA ALA G 103 1.42 -17.12 -10.88
C ALA G 103 1.36 -18.65 -10.80
N GLN G 104 0.17 -19.20 -11.04
CA GLN G 104 -0.01 -20.66 -11.13
C GLN G 104 0.20 -21.34 -9.77
N GLY G 105 -0.12 -20.63 -8.69
CA GLY G 105 0.00 -21.17 -7.35
C GLY G 105 -1.27 -21.75 -6.70
N GLY G 106 -2.45 -21.42 -7.25
CA GLY G 106 -3.72 -21.76 -6.61
C GLY G 106 -3.81 -21.27 -5.18
N VAL G 107 -4.65 -21.93 -4.41
CA VAL G 107 -4.86 -21.55 -3.01
C VAL G 107 -4.68 -22.74 -2.06
N LEU G 108 -4.49 -22.47 -0.76
CA LEU G 108 -4.55 -23.50 0.30
C LEU G 108 -5.93 -24.13 0.42
N PRO G 109 -6.00 -25.49 0.44
CA PRO G 109 -7.31 -26.10 0.69
C PRO G 109 -7.84 -25.58 2.01
N ASN G 110 -9.03 -25.01 1.98
CA ASN G 110 -9.65 -24.44 3.16
C ASN G 110 -11.14 -24.20 2.91
N ILE G 111 -11.97 -24.81 3.75
CA ILE G 111 -13.43 -24.70 3.66
C ILE G 111 -13.95 -24.26 5.01
N GLN G 112 -14.76 -23.21 5.03
CA GLN G 112 -15.39 -22.76 6.27
C GLN G 112 -16.29 -23.85 6.82
N SER G 113 -16.15 -24.10 8.11
CA SER G 113 -16.75 -25.27 8.73
C SER G 113 -18.26 -25.28 8.69
N VAL G 114 -18.88 -24.11 8.87
CA VAL G 114 -20.34 -24.01 8.71
C VAL G 114 -20.86 -24.48 7.34
N LEU G 115 -19.95 -24.65 6.38
CA LEU G 115 -20.32 -25.11 5.05
C LEU G 115 -20.29 -26.64 4.92
N LEU G 116 -19.74 -27.31 5.93
CA LEU G 116 -19.67 -28.79 5.98
C LEU G 116 -21.04 -29.39 6.29
N PRO G 117 -21.38 -30.51 5.61
CA PRO G 117 -22.67 -31.19 5.84
C PRO G 117 -22.74 -31.74 7.25
N LYS G 118 -23.94 -31.91 7.80
CA LYS G 118 -24.11 -32.34 9.20
C LYS G 118 -23.93 -33.86 9.50
N LYS G 119 -23.28 -34.17 10.63
CA LYS G 119 -22.97 -35.55 11.03
C LYS G 119 -24.22 -36.27 11.56
N LYS H 31 19.04 -11.09 -28.92
CA LYS H 31 20.53 -10.97 -29.02
C LYS H 31 21.14 -10.42 -27.73
N THR H 32 20.57 -9.32 -27.23
CA THR H 32 21.10 -8.68 -26.03
C THR H 32 20.97 -9.62 -24.83
N ARG H 33 22.04 -9.69 -24.05
CA ARG H 33 22.12 -10.61 -22.90
C ARG H 33 21.09 -10.26 -21.85
N LYS H 34 20.21 -11.22 -21.53
CA LYS H 34 19.17 -11.02 -20.53
C LYS H 34 19.57 -11.68 -19.19
N GLU H 35 20.06 -10.87 -18.25
CA GLU H 35 20.48 -11.33 -16.92
C GLU H 35 19.34 -11.89 -16.07
N SER H 36 19.72 -12.62 -15.02
CA SER H 36 18.79 -13.37 -14.19
C SER H 36 19.56 -13.81 -12.95
N TYR H 37 18.85 -14.07 -11.85
CA TYR H 37 19.46 -14.70 -10.66
C TYR H 37 19.40 -16.21 -10.76
N ALA H 38 18.83 -16.72 -11.86
CA ALA H 38 18.48 -18.15 -12.03
C ALA H 38 19.55 -19.18 -11.60
N ILE H 39 20.81 -18.95 -11.98
CA ILE H 39 21.89 -19.91 -11.65
C ILE H 39 22.30 -19.92 -10.18
N TYR H 40 22.30 -18.75 -9.54
CA TYR H 40 22.54 -18.65 -8.11
C TYR H 40 21.41 -19.28 -7.31
N VAL H 41 20.17 -19.05 -7.74
CA VAL H 41 19.04 -19.72 -7.15
C VAL H 41 19.27 -21.23 -7.24
N TYR H 42 19.73 -21.67 -8.42
CA TYR H 42 19.96 -23.09 -8.71
C TYR H 42 21.09 -23.66 -7.86
N LYS H 43 22.13 -22.89 -7.65
CA LYS H 43 23.23 -23.35 -6.81
C LYS H 43 22.69 -23.57 -5.41
N VAL H 44 21.94 -22.60 -4.91
CA VAL H 44 21.38 -22.70 -3.56
C VAL H 44 20.36 -23.85 -3.40
N LEU H 45 19.58 -24.10 -4.45
CA LEU H 45 18.67 -25.24 -4.47
C LEU H 45 19.42 -26.51 -4.14
N LYS H 46 20.53 -26.73 -4.83
CA LYS H 46 21.31 -27.95 -4.68
C LYS H 46 21.86 -28.16 -3.27
N GLN H 47 22.38 -27.10 -2.65
CA GLN H 47 22.81 -27.16 -1.25
C GLN H 47 21.66 -27.60 -0.35
N VAL H 48 20.48 -27.11 -0.67
CA VAL H 48 19.34 -27.30 0.21
C VAL H 48 18.61 -28.62 -0.07
N HIS H 49 18.53 -28.99 -1.34
CA HIS H 49 17.84 -30.20 -1.76
C HIS H 49 18.53 -30.76 -2.98
N PRO H 50 19.66 -31.50 -2.79
CA PRO H 50 20.49 -31.87 -3.96
C PRO H 50 19.79 -32.76 -5.00
N ASP H 51 18.77 -33.52 -4.59
CA ASP H 51 17.98 -34.37 -5.51
C ASP H 51 16.74 -33.70 -6.14
N THR H 52 16.53 -32.41 -5.85
CA THR H 52 15.30 -31.73 -6.27
C THR H 52 15.55 -30.72 -7.38
N GLY H 53 14.66 -30.69 -8.37
CA GLY H 53 14.74 -29.82 -9.56
C GLY H 53 13.72 -28.69 -9.48
N ILE H 54 13.62 -27.91 -10.54
CA ILE H 54 12.77 -26.73 -10.53
C ILE H 54 12.26 -26.42 -11.92
N SER H 55 10.96 -26.18 -12.04
CA SER H 55 10.35 -25.85 -13.33
C SER H 55 10.76 -24.45 -13.78
N SER H 56 10.64 -24.19 -15.09
CA SER H 56 10.90 -22.86 -15.61
C SER H 56 10.06 -21.83 -14.88
N LYS H 57 8.74 -22.04 -14.88
CA LYS H 57 7.81 -21.12 -14.26
C LYS H 57 8.19 -20.87 -12.80
N ALA H 58 8.51 -21.93 -12.06
CA ALA H 58 8.97 -21.76 -10.70
C ALA H 58 10.23 -20.87 -10.62
N MET H 59 11.16 -21.07 -11.54
CA MET H 59 12.41 -20.32 -11.47
C MET H 59 12.18 -18.83 -11.75
N SER H 60 11.28 -18.56 -12.69
CA SER H 60 10.86 -17.21 -12.99
C SER H 60 10.33 -16.54 -11.71
N ILE H 61 9.42 -17.22 -11.00
CA ILE H 61 8.88 -16.74 -9.72
C ILE H 61 9.96 -16.45 -8.69
N MET H 62 10.91 -17.36 -8.56
CA MET H 62 12.05 -17.17 -7.68
C MET H 62 12.85 -15.95 -8.08
N ASN H 63 12.88 -15.69 -9.37
CA ASN H 63 13.65 -14.57 -9.86
C ASN H 63 12.94 -13.26 -9.48
N SER H 64 11.62 -13.22 -9.74
CA SER H 64 10.77 -12.10 -9.30
C SER H 64 11.02 -11.80 -7.84
N PHE H 65 10.86 -12.85 -7.03
CA PHE H 65 11.08 -12.74 -5.59
C PHE H 65 12.38 -12.01 -5.21
N VAL H 66 13.52 -12.45 -5.78
CA VAL H 66 14.79 -11.84 -5.49
C VAL H 66 14.78 -10.36 -5.88
N ASN H 67 14.35 -10.08 -7.11
CA ASN H 67 14.25 -8.69 -7.58
C ASN H 67 13.36 -7.81 -6.73
N ASP H 68 12.22 -8.37 -6.32
CA ASP H 68 11.30 -7.67 -5.48
C ASP H 68 11.98 -7.30 -4.16
N VAL H 69 12.47 -8.31 -3.44
CA VAL H 69 13.06 -8.06 -2.14
C VAL H 69 14.27 -7.16 -2.28
N PHE H 70 15.07 -7.38 -3.34
CA PHE H 70 16.14 -6.43 -3.63
C PHE H 70 15.63 -4.97 -3.60
N GLU H 71 14.64 -4.67 -4.45
CA GLU H 71 14.07 -3.31 -4.54
C GLU H 71 13.53 -2.80 -3.21
N ARG H 72 12.80 -3.67 -2.49
CA ARG H 72 12.25 -3.26 -1.20
C ARG H 72 13.36 -2.87 -0.22
N ILE H 73 14.38 -3.71 -0.13
CA ILE H 73 15.46 -3.40 0.79
C ILE H 73 16.25 -2.17 0.34
N ALA H 74 16.74 -2.15 -0.91
CA ALA H 74 17.45 -0.98 -1.42
C ALA H 74 16.62 0.29 -1.21
N GLY H 75 15.33 0.21 -1.57
CA GLY H 75 14.43 1.35 -1.48
C GLY H 75 14.37 1.96 -0.09
N GLU H 76 14.18 1.09 0.89
CA GLU H 76 14.19 1.51 2.28
C GLU H 76 15.55 2.09 2.69
N ALA H 77 16.64 1.49 2.22
CA ALA H 77 17.95 1.95 2.60
C ALA H 77 18.20 3.33 2.06
N SER H 78 17.85 3.52 0.78
CA SER H 78 17.87 4.84 0.16
C SER H 78 17.16 5.87 1.05
N ARG H 79 15.88 5.61 1.32
CA ARG H 79 15.11 6.44 2.20
C ARG H 79 15.90 6.75 3.49
N LEU H 80 16.41 5.73 4.17
CA LEU H 80 17.17 5.92 5.42
C LEU H 80 18.32 6.89 5.27
N ALA H 81 19.11 6.68 4.22
CA ALA H 81 20.25 7.56 3.96
C ALA H 81 19.77 8.99 3.85
N HIS H 82 18.81 9.23 2.96
CA HIS H 82 18.20 10.54 2.81
C HIS H 82 17.71 11.13 4.13
N TYR H 83 16.92 10.39 4.91
CA TYR H 83 16.43 10.93 6.19
C TYR H 83 17.55 11.45 7.04
N ASN H 84 18.69 10.78 6.95
CA ASN H 84 19.82 11.14 7.79
C ASN H 84 20.93 11.89 7.10
N LYS H 85 20.58 12.61 6.03
CA LYS H 85 21.51 13.43 5.27
C LYS H 85 22.85 12.73 5.11
N ARG H 86 22.83 11.57 4.45
CA ARG H 86 24.04 10.81 4.16
C ARG H 86 24.07 10.41 2.70
N SER H 87 25.27 10.36 2.14
CA SER H 87 25.43 10.14 0.72
C SER H 87 25.66 8.68 0.40
N THR H 88 25.83 7.86 1.44
CA THR H 88 26.25 6.48 1.27
C THR H 88 25.26 5.46 1.84
N ILE H 89 25.05 4.37 1.10
CA ILE H 89 24.37 3.19 1.59
C ILE H 89 25.43 2.17 2.04
N THR H 90 25.50 2.01 3.36
CA THR H 90 26.42 1.12 4.04
C THR H 90 25.60 0.00 4.61
N SER H 91 26.26 -1.07 5.04
CA SER H 91 25.59 -2.23 5.59
C SER H 91 24.67 -1.88 6.77
N ARG H 92 25.00 -0.83 7.50
CA ARG H 92 24.13 -0.35 8.56
C ARG H 92 22.74 0.04 8.00
N GLU H 93 22.73 0.65 6.81
CA GLU H 93 21.46 0.97 6.16
C GLU H 93 20.72 -0.29 5.72
N ILE H 94 21.42 -1.20 5.05
CA ILE H 94 20.80 -2.48 4.67
C ILE H 94 20.26 -3.21 5.89
N GLN H 95 20.98 -3.12 7.01
CA GLN H 95 20.59 -3.78 8.24
C GLN H 95 19.25 -3.24 8.78
N THR H 96 19.21 -1.94 9.02
CA THR H 96 18.00 -1.27 9.47
C THR H 96 16.87 -1.48 8.47
N ALA H 97 17.19 -1.37 7.18
CA ALA H 97 16.25 -1.72 6.12
C ALA H 97 15.66 -3.12 6.37
N VAL H 98 16.52 -4.11 6.62
CA VAL H 98 16.06 -5.49 6.81
C VAL H 98 15.14 -5.60 8.03
N ARG H 99 15.49 -4.89 9.09
CA ARG H 99 14.70 -4.92 10.29
C ARG H 99 13.30 -4.39 10.04
N LEU H 100 13.23 -3.21 9.41
CA LEU H 100 11.96 -2.56 9.04
C LEU H 100 11.08 -3.38 8.11
N LEU H 101 11.67 -4.13 7.18
CA LEU H 101 10.93 -4.86 6.16
C LEU H 101 10.56 -6.28 6.50
N LEU H 102 11.46 -6.98 7.18
CA LEU H 102 11.22 -8.40 7.47
C LEU H 102 10.46 -8.62 8.80
N PRO H 103 9.60 -9.64 8.81
CA PRO H 103 8.91 -10.03 10.04
C PRO H 103 9.90 -10.63 11.06
N GLY H 104 9.70 -10.30 12.34
CA GLY H 104 10.44 -10.87 13.48
C GLY H 104 11.53 -11.91 13.24
N GLU H 105 11.14 -13.19 13.17
CA GLU H 105 12.14 -14.26 13.11
C GLU H 105 12.99 -14.21 11.85
N LEU H 106 12.35 -13.97 10.71
CA LEU H 106 13.03 -13.85 9.43
C LEU H 106 14.07 -12.71 9.45
N ALA H 107 13.70 -11.58 10.05
CA ALA H 107 14.61 -10.44 10.20
C ALA H 107 15.84 -10.86 10.98
N LYS H 108 15.64 -11.54 12.11
CA LYS H 108 16.75 -11.90 12.95
C LYS H 108 17.74 -12.77 12.21
N HIS H 109 17.25 -13.85 11.60
CA HIS H 109 18.15 -14.78 10.91
C HIS H 109 18.88 -14.10 9.79
N ALA H 110 18.14 -13.34 8.98
CA ALA H 110 18.72 -12.57 7.87
C ALA H 110 19.80 -11.60 8.31
N VAL H 111 19.56 -10.92 9.43
CA VAL H 111 20.56 -10.01 10.01
C VAL H 111 21.80 -10.78 10.43
N SER H 112 21.60 -11.96 11.00
CA SER H 112 22.75 -12.72 11.40
C SER H 112 23.50 -13.20 10.16
N GLU H 113 22.80 -13.71 9.14
CA GLU H 113 23.49 -14.13 7.89
C GLU H 113 24.23 -12.98 7.24
N GLY H 114 23.72 -11.78 7.48
CA GLY H 114 24.22 -10.57 6.87
C GLY H 114 25.49 -10.14 7.53
N THR H 115 25.47 -9.97 8.85
CA THR H 115 26.68 -9.63 9.63
C THR H 115 27.75 -10.72 9.50
N LYS H 116 27.31 -11.96 9.36
CA LYS H 116 28.21 -13.09 9.20
C LYS H 116 29.02 -12.85 7.96
N ALA H 117 28.32 -12.77 6.83
CA ALA H 117 28.95 -12.63 5.52
C ALA H 117 29.94 -11.47 5.43
N VAL H 118 29.70 -10.40 6.18
CA VAL H 118 30.58 -9.22 6.15
C VAL H 118 31.84 -9.44 6.98
N THR H 119 31.68 -10.02 8.18
CA THR H 119 32.81 -10.48 8.96
C THR H 119 33.71 -11.34 8.05
N LYS H 120 33.19 -12.48 7.60
CA LYS H 120 33.92 -13.45 6.78
C LYS H 120 34.65 -12.79 5.61
N TYR H 121 33.98 -11.86 4.96
CA TYR H 121 34.54 -11.14 3.83
C TYR H 121 35.69 -10.21 4.24
N THR H 122 35.57 -9.52 5.38
CA THR H 122 36.62 -8.58 5.84
C THR H 122 37.94 -9.29 6.15
N SER H 123 37.86 -10.27 7.05
CA SER H 123 39.00 -11.07 7.47
C SER H 123 39.71 -11.77 6.30
N ALA H 124 38.94 -12.32 5.35
CA ALA H 124 39.51 -12.87 4.12
C ALA H 124 40.30 -11.78 3.38
N LYS H 125 41.48 -12.16 2.90
CA LYS H 125 42.48 -11.23 2.36
C LYS H 125 42.10 -10.59 1.01
#